data_8U0T
#
_entry.id   8U0T
#
loop_
_entity.id
_entity.type
_entity.pdbx_description
1 polymer 'Angiotensin-converting enzyme'
2 polymer PRD-0038
3 non-polymer 2-acetamido-2-deoxy-beta-D-glucopyranose
4 non-polymer 'ZINC ION'
#
loop_
_entity_poly.entity_id
_entity_poly.type
_entity_poly.pdbx_seq_one_letter_code
_entity_poly.pdbx_strand_id
1 'polypeptide(L)'
;MSGSSWLFLSLVAVAAAQSTPEDLAKIFLDNFNSEAENLSHQSSLASWEYNTNISDENIQKMDEAGAKWSDFYETQSKHA
KNFSLEEIHNDTVKLQLQILQQSGSPVLSEDKSKRLNSILNAMSTIYSTGKVCRPNNPQECLLLEPGLDNIMGTSKDYNE
RLWAWEGWRAEVGKQLRPLYEEYVVLKNEMARGYHYEDYGDYWRRDYETEGSPDLEYSRDQLTKDVERIFAEIKPLYEQL
HAYVRTKLMDTYPFHISPTGCLPAHLLGDMWGRFWTNLYPLTVPFAQKPNIDVTDAMLNQTWDAKRIFKEAEKFFVSIGL
PHMTEGFWNNSMLTDPGDGRKVVCHPTAWDLGKGDFRIKMCTKVTMEDFLTAHHEMGHIQYDMAYASQPYLLRNGANEGF
HEAVGEVMSLSVATPKHLKTMGLLSPDFLEDNETEINFLFKQALTIVGTLPFTYMLEKWRWMVFKGEIPKEEWMTKWWEM
KRKIVGVVEPVPHDETYCDPASLFHVANDYSFIRYYTRTIFEFQFHEALCRIAKHDGPLHKCDISNSTDAGKKLHQMLSV
GKSQPWTSVLKDFVDSKDMDVGPLLRYFEPLYTWLKEQNRNSFVGWNTDWSPYADQSIKVRISLKSALGEKAYEWNNNEM
YLFRSSVAYAMREYFLKTKNQTILFGEEDVWVSNLKPRISFNFYVTSPRNLSDIIPRPEVEGAIRMSRSRINDAFRLDDN
SLEFLGIQPTLGPPYQPPVTHHHHHHHHGGSSGLNDIFEAQKIEWHE
;
A
2 'polypeptide(L)'
;MGILPSPGMPALLSLVSLLSVLLMGCVARFPNITNLCPFGQVFNASKFPSVYAWERLRISDCVADYSVLYNSSSSFSTFK
CYGVSPTKLNDLCFSSVYADYFVVKGDDVRQIAPAQTGVIADYNYKLPDDFTGCVLAWNTNSVDSKQGNNFYYRLFRHGK
IKPYERDISNVLYNSAGGTCSSTSQLGCYEPLKSYGFTPTVGVGYQPYRVVVLSFELLNAPATVCGPKKSTHHHHHHHHG
GSSGLNDIFEAQKIEWHE
;
B
#
loop_
_chem_comp.id
_chem_comp.type
_chem_comp.name
_chem_comp.formula
NAG D-saccharide, beta linking 2-acetamido-2-deoxy-beta-D-glucopyranose 'C8 H15 N O6'
ZN non-polymer 'ZINC ION' 'Zn 2'
#
# COMPACT_ATOMS: atom_id res chain seq x y z
N THR A 20 -25.60 28.25 -9.52
CA THR A 20 -25.48 27.64 -10.83
C THR A 20 -24.17 26.84 -11.09
N PRO A 21 -22.94 27.43 -10.96
CA PRO A 21 -21.65 26.78 -11.22
C PRO A 21 -21.38 25.61 -10.28
N GLU A 22 -21.98 25.64 -9.10
CA GLU A 22 -21.84 24.54 -8.17
C GLU A 22 -22.71 23.36 -8.60
N ASP A 23 -23.89 23.68 -9.11
CA ASP A 23 -24.80 22.63 -9.56
C ASP A 23 -24.22 21.94 -10.78
N LEU A 24 -23.55 22.71 -11.63
CA LEU A 24 -22.94 22.15 -12.82
C LEU A 24 -21.78 21.23 -12.42
N ALA A 25 -21.03 21.61 -11.41
CA ALA A 25 -19.94 20.77 -10.90
C ALA A 25 -20.51 19.47 -10.33
N LYS A 26 -21.65 19.57 -9.64
CA LYS A 26 -22.29 18.39 -9.07
C LYS A 26 -22.76 17.43 -10.16
N ILE A 27 -23.32 17.97 -11.25
CA ILE A 27 -23.76 17.13 -12.36
C ILE A 27 -22.58 16.41 -12.97
N PHE A 28 -21.48 17.14 -13.15
CA PHE A 28 -20.25 16.55 -13.66
C PHE A 28 -19.80 15.38 -12.80
N LEU A 29 -19.77 15.57 -11.49
CA LEU A 29 -19.35 14.49 -10.59
C LEU A 29 -20.33 13.33 -10.59
N ASP A 30 -21.63 13.61 -10.64
CA ASP A 30 -22.60 12.54 -10.65
C ASP A 30 -22.38 11.65 -11.87
N ASN A 31 -22.08 12.29 -13.01
CA ASN A 31 -21.78 11.55 -14.22
C ASN A 31 -20.51 10.73 -14.06
N PHE A 32 -19.46 11.34 -13.50
CA PHE A 32 -18.20 10.65 -13.32
C PHE A 32 -18.36 9.43 -12.43
N ASN A 33 -19.02 9.61 -11.29
CA ASN A 33 -19.12 8.54 -10.31
C ASN A 33 -19.98 7.38 -10.81
N SER A 34 -21.11 7.67 -11.46
CA SER A 34 -21.95 6.58 -11.94
C SER A 34 -21.33 5.86 -13.14
N GLU A 35 -20.55 6.57 -13.94
CA GLU A 35 -19.89 5.97 -15.08
C GLU A 35 -18.63 5.21 -14.67
N ALA A 36 -17.90 5.73 -13.68
CA ALA A 36 -16.68 5.11 -13.20
C ALA A 36 -16.93 3.82 -12.45
N GLU A 37 -17.99 3.78 -11.65
CA GLU A 37 -18.19 2.65 -10.75
C GLU A 37 -18.26 1.31 -11.47
N ASN A 38 -18.88 1.26 -12.66
CA ASN A 38 -19.00 -0.01 -13.37
C ASN A 38 -17.97 -0.15 -14.48
N LEU A 39 -16.97 0.72 -14.46
CA LEU A 39 -15.87 0.64 -15.41
C LEU A 39 -14.59 0.23 -14.69
N SER A 40 -14.31 0.86 -13.56
CA SER A 40 -13.14 0.47 -12.77
C SER A 40 -13.26 -0.99 -12.34
N HIS A 41 -14.50 -1.44 -12.15
CA HIS A 41 -14.80 -2.81 -11.76
C HIS A 41 -14.24 -3.81 -12.75
N GLN A 42 -14.40 -3.55 -14.04
CA GLN A 42 -13.93 -4.47 -15.06
C GLN A 42 -12.41 -4.54 -15.08
N SER A 43 -11.76 -3.40 -14.85
CA SER A 43 -10.31 -3.38 -14.93
C SER A 43 -9.70 -4.13 -13.75
N SER A 44 -10.36 -4.01 -12.60
CA SER A 44 -9.89 -4.64 -11.38
C SER A 44 -10.18 -6.13 -11.40
N LEU A 45 -11.29 -6.50 -12.01
CA LEU A 45 -11.71 -7.88 -12.11
C LEU A 45 -10.79 -8.65 -13.05
N ALA A 46 -10.42 -8.00 -14.15
CA ALA A 46 -9.49 -8.60 -15.10
C ALA A 46 -8.13 -8.79 -14.44
N SER A 47 -7.73 -7.85 -13.58
CA SER A 47 -6.46 -7.96 -12.87
C SER A 47 -6.47 -9.16 -11.92
N TRP A 48 -7.58 -9.34 -11.23
CA TRP A 48 -7.72 -10.48 -10.33
C TRP A 48 -7.54 -11.80 -11.08
N GLU A 49 -8.25 -11.93 -12.19
CA GLU A 49 -8.21 -13.18 -12.95
C GLU A 49 -6.79 -13.49 -13.40
N TYR A 50 -6.05 -12.48 -13.82
CA TYR A 50 -4.66 -12.65 -14.25
C TYR A 50 -3.76 -13.19 -13.13
N ASN A 51 -3.87 -12.61 -11.93
CA ASN A 51 -3.03 -12.99 -10.80
C ASN A 51 -3.41 -14.36 -10.21
N THR A 52 -4.65 -14.77 -10.45
CA THR A 52 -5.11 -16.10 -10.03
C THR A 52 -4.83 -17.17 -11.09
N ASN A 53 -4.87 -16.78 -12.37
CA ASN A 53 -4.58 -17.60 -13.50
C ASN A 53 -3.64 -16.87 -14.47
N ILE A 54 -2.32 -17.18 -14.39
CA ILE A 54 -1.34 -16.45 -15.20
C ILE A 54 -1.19 -17.05 -16.60
N SER A 55 -1.64 -16.29 -17.58
CA SER A 55 -1.64 -16.72 -18.98
C SER A 55 -1.37 -15.56 -19.93
N ASP A 56 -0.98 -15.89 -21.14
CA ASP A 56 -0.73 -14.90 -22.18
C ASP A 56 -2.01 -14.23 -22.64
N GLU A 57 -3.12 -14.96 -22.57
CA GLU A 57 -4.40 -14.40 -22.96
C GLU A 57 -4.93 -13.47 -21.88
N ASN A 58 -4.74 -13.85 -20.62
CA ASN A 58 -5.27 -13.07 -19.52
C ASN A 58 -4.53 -11.76 -19.34
N ILE A 59 -3.25 -11.73 -19.68
CA ILE A 59 -2.48 -10.51 -19.49
C ILE A 59 -2.92 -9.43 -20.49
N GLN A 60 -3.26 -9.83 -21.72
CA GLN A 60 -3.67 -8.84 -22.69
C GLN A 60 -5.10 -8.35 -22.42
N LYS A 61 -5.91 -9.20 -21.80
CA LYS A 61 -7.27 -8.78 -21.42
C LYS A 61 -7.20 -7.81 -20.25
N MET A 62 -6.26 -8.06 -19.34
CA MET A 62 -6.04 -7.15 -18.22
C MET A 62 -5.66 -5.77 -18.72
N ASP A 63 -4.76 -5.71 -19.70
CA ASP A 63 -4.32 -4.44 -20.25
C ASP A 63 -5.44 -3.73 -20.98
N GLU A 64 -6.24 -4.48 -21.74
CA GLU A 64 -7.33 -3.88 -22.50
C GLU A 64 -8.34 -3.21 -21.58
N ALA A 65 -8.73 -3.91 -20.52
CA ALA A 65 -9.70 -3.37 -19.58
C ALA A 65 -9.13 -2.16 -18.86
N GLY A 66 -7.84 -2.23 -18.52
CA GLY A 66 -7.17 -1.13 -17.86
C GLY A 66 -7.10 0.10 -18.75
N ALA A 67 -6.83 -0.11 -20.03
CA ALA A 67 -6.71 0.99 -20.98
C ALA A 67 -8.01 1.77 -21.08
N LYS A 68 -9.14 1.08 -21.13
CA LYS A 68 -10.41 1.77 -21.25
C LYS A 68 -10.66 2.67 -20.05
N TRP A 69 -10.39 2.14 -18.85
CA TRP A 69 -10.56 2.91 -17.62
C TRP A 69 -9.66 4.12 -17.58
N SER A 70 -8.40 3.92 -17.94
CA SER A 70 -7.42 5.00 -17.94
C SER A 70 -7.83 6.14 -18.86
N ASP A 71 -8.26 5.79 -20.08
CA ASP A 71 -8.67 6.80 -21.06
C ASP A 71 -9.87 7.61 -20.56
N PHE A 72 -10.83 6.93 -19.95
CA PHE A 72 -11.98 7.61 -19.38
C PHE A 72 -11.55 8.62 -18.33
N TYR A 73 -10.71 8.16 -17.40
CA TYR A 73 -10.24 8.99 -16.30
C TYR A 73 -9.54 10.24 -16.82
N GLU A 74 -8.65 10.07 -17.80
CA GLU A 74 -7.91 11.20 -18.35
C GLU A 74 -8.84 12.27 -18.91
N THR A 75 -9.83 11.86 -19.69
CA THR A 75 -10.76 12.81 -20.28
C THR A 75 -11.53 13.58 -19.22
N GLN A 76 -12.00 12.86 -18.21
CA GLN A 76 -12.76 13.45 -17.12
C GLN A 76 -11.89 14.37 -16.27
N SER A 77 -10.64 14.01 -16.09
CA SER A 77 -9.71 14.84 -15.33
C SER A 77 -9.48 16.16 -16.04
N LYS A 78 -9.40 16.11 -17.37
CA LYS A 78 -9.22 17.33 -18.15
C LYS A 78 -10.47 18.21 -18.08
N HIS A 79 -11.65 17.59 -18.12
CA HIS A 79 -12.89 18.36 -18.03
C HIS A 79 -12.97 19.09 -16.69
N ALA A 80 -12.52 18.40 -15.64
CA ALA A 80 -12.57 18.89 -14.26
C ALA A 80 -11.78 20.17 -14.05
N LYS A 81 -10.90 20.47 -14.99
CA LYS A 81 -10.00 21.63 -14.88
C LYS A 81 -10.67 22.99 -15.13
N ASN A 82 -11.77 23.06 -15.83
CA ASN A 82 -12.44 24.28 -16.22
C ASN A 82 -13.60 24.73 -15.30
N PHE A 83 -13.76 23.94 -14.16
CA PHE A 83 -14.63 24.34 -13.04
C PHE A 83 -13.86 25.13 -11.97
N SER A 84 -14.31 26.33 -11.61
CA SER A 84 -13.59 27.11 -10.58
C SER A 84 -13.90 26.59 -9.17
N LEU A 85 -12.85 26.32 -8.37
CA LEU A 85 -13.02 25.83 -7.01
C LEU A 85 -13.62 26.89 -6.08
N GLU A 86 -13.34 28.16 -6.38
CA GLU A 86 -13.83 29.29 -5.61
C GLU A 86 -15.35 29.46 -5.72
N GLU A 87 -15.95 28.83 -6.73
CA GLU A 87 -17.38 28.96 -6.95
C GLU A 87 -18.15 27.83 -6.25
N ILE A 88 -17.43 26.93 -5.60
CA ILE A 88 -18.05 25.79 -4.93
C ILE A 88 -18.08 26.00 -3.44
N HIS A 89 -19.27 25.92 -2.86
CA HIS A 89 -19.46 26.18 -1.43
C HIS A 89 -19.57 24.90 -0.60
N ASN A 90 -19.55 23.76 -1.21
CA ASN A 90 -19.64 22.41 -0.63
C ASN A 90 -18.28 21.78 -0.49
N ASP A 91 -17.94 21.21 0.65
CA ASP A 91 -16.64 20.58 0.88
C ASP A 91 -16.53 19.22 0.21
N THR A 92 -17.63 18.48 0.12
CA THR A 92 -17.55 17.14 -0.47
C THR A 92 -17.61 17.22 -1.98
N VAL A 93 -17.80 18.43 -2.51
CA VAL A 93 -17.78 18.66 -3.94
C VAL A 93 -16.44 19.24 -4.36
N LYS A 94 -16.02 20.28 -3.67
CA LYS A 94 -14.74 20.93 -3.96
C LYS A 94 -13.60 19.93 -3.86
N LEU A 95 -13.67 19.06 -2.87
CA LEU A 95 -12.63 18.05 -2.67
C LEU A 95 -12.54 17.10 -3.86
N GLN A 96 -13.68 16.65 -4.37
CA GLN A 96 -13.67 15.73 -5.50
C GLN A 96 -13.10 16.39 -6.75
N LEU A 97 -13.40 17.69 -6.93
CA LEU A 97 -12.85 18.40 -8.08
C LEU A 97 -11.34 18.52 -7.95
N GLN A 98 -10.85 18.81 -6.75
CA GLN A 98 -9.41 18.95 -6.54
C GLN A 98 -8.69 17.66 -6.89
N ILE A 99 -9.28 16.53 -6.52
CA ILE A 99 -8.67 15.24 -6.78
C ILE A 99 -8.49 15.00 -8.27
N LEU A 100 -9.53 15.29 -9.05
CA LEU A 100 -9.45 15.11 -10.49
C LEU A 100 -8.51 16.12 -11.16
N GLN A 101 -8.54 17.37 -10.71
CA GLN A 101 -7.79 18.44 -11.36
C GLN A 101 -6.28 18.23 -11.29
N GLN A 102 -5.81 17.66 -10.20
CA GLN A 102 -4.36 17.50 -9.99
C GLN A 102 -3.83 16.12 -10.39
N SER A 103 -4.65 15.31 -11.06
CA SER A 103 -4.13 14.02 -11.54
C SER A 103 -4.72 13.56 -12.87
N GLY A 104 -4.05 12.61 -13.49
CA GLY A 104 -4.58 11.88 -14.66
C GLY A 104 -4.11 12.44 -15.98
N SER A 105 -3.61 13.66 -15.97
CA SER A 105 -3.21 14.32 -17.19
C SER A 105 -1.94 15.16 -17.00
N PRO A 106 -0.76 14.57 -17.22
CA PRO A 106 0.56 15.20 -17.23
C PRO A 106 0.64 16.23 -18.34
N VAL A 107 1.41 17.29 -18.12
CA VAL A 107 1.62 18.30 -19.15
C VAL A 107 3.00 18.14 -19.77
N LEU A 108 3.08 17.30 -20.80
CA LEU A 108 4.35 16.98 -21.45
C LEU A 108 4.18 16.87 -22.95
N SER A 109 5.24 17.18 -23.69
CA SER A 109 5.27 16.95 -25.13
C SER A 109 5.17 15.45 -25.40
N GLU A 110 4.55 15.08 -26.51
CA GLU A 110 4.37 13.67 -26.84
C GLU A 110 5.69 12.90 -26.78
N ASP A 111 6.76 13.55 -27.20
CA ASP A 111 8.09 12.94 -27.17
C ASP A 111 8.55 12.67 -25.74
N LYS A 112 8.11 13.51 -24.79
CA LYS A 112 8.49 13.36 -23.39
C LYS A 112 7.54 12.44 -22.65
N SER A 113 6.41 12.12 -23.29
CA SER A 113 5.47 11.16 -22.73
C SER A 113 5.85 9.74 -23.15
N LYS A 114 6.38 9.61 -24.37
CA LYS A 114 6.91 8.34 -24.84
C LYS A 114 8.17 8.02 -24.05
N ARG A 115 9.03 9.03 -23.84
CA ARG A 115 10.33 8.82 -23.15
C ARG A 115 10.15 8.42 -21.68
N LEU A 116 9.55 9.28 -20.85
CA LEU A 116 9.45 8.98 -19.40
C LEU A 116 8.92 7.56 -19.20
N ASN A 117 7.97 7.12 -20.02
CA ASN A 117 7.36 5.78 -19.80
C ASN A 117 8.31 4.71 -20.34
N SER A 118 9.44 5.13 -20.92
CA SER A 118 10.43 4.18 -21.49
C SER A 118 11.61 4.07 -20.53
N ILE A 119 11.73 5.02 -19.59
CA ILE A 119 12.80 4.94 -18.55
C ILE A 119 12.23 4.11 -17.41
N LEU A 120 10.98 4.36 -17.02
CA LEU A 120 10.44 3.66 -15.87
C LEU A 120 10.37 2.16 -16.13
N ASN A 121 9.96 1.79 -17.34
CA ASN A 121 9.90 0.39 -17.70
C ASN A 121 11.29 -0.20 -17.71
N ALA A 122 12.26 0.56 -18.19
CA ALA A 122 13.64 0.11 -18.24
C ALA A 122 14.19 -0.16 -16.84
N MET A 123 13.94 0.77 -15.90
CA MET A 123 14.46 0.62 -14.55
C MET A 123 13.86 -0.59 -13.85
N SER A 124 12.56 -0.79 -14.03
CA SER A 124 11.86 -1.90 -13.43
C SER A 124 12.44 -3.22 -13.92
N THR A 125 12.62 -3.32 -15.23
CA THR A 125 13.18 -4.52 -15.84
C THR A 125 14.60 -4.81 -15.36
N ILE A 126 15.45 -3.79 -15.34
CA ILE A 126 16.84 -3.94 -14.93
C ILE A 126 16.93 -4.46 -13.50
N TYR A 127 16.11 -3.90 -12.62
CA TYR A 127 16.05 -4.37 -11.26
C TYR A 127 15.59 -5.81 -11.22
N SER A 128 14.49 -6.11 -11.89
CA SER A 128 13.86 -7.41 -11.74
C SER A 128 14.64 -8.57 -12.37
N THR A 129 15.47 -8.27 -13.35
CA THR A 129 16.28 -9.32 -13.99
C THR A 129 17.75 -9.26 -13.59
N GLY A 130 18.06 -8.43 -12.59
CA GLY A 130 19.44 -8.25 -12.16
C GLY A 130 19.99 -9.50 -11.48
N LYS A 131 21.26 -9.81 -11.75
CA LYS A 131 21.92 -10.95 -11.14
C LYS A 131 23.40 -10.67 -10.88
N VAL A 132 23.97 -11.36 -9.88
CA VAL A 132 25.39 -11.23 -9.54
C VAL A 132 26.16 -12.56 -9.74
N CYS A 133 27.24 -12.54 -10.55
CA CYS A 133 28.04 -13.71 -10.91
C CYS A 133 29.25 -13.91 -9.95
N ARG A 134 29.91 -15.08 -10.03
CA ARG A 134 30.99 -15.42 -9.08
C ARG A 134 32.43 -15.36 -9.68
N PRO A 135 33.41 -14.80 -8.92
CA PRO A 135 34.81 -14.41 -9.25
C PRO A 135 35.77 -15.62 -9.21
N ASN A 136 35.20 -16.79 -9.46
CA ASN A 136 35.87 -18.10 -9.61
C ASN A 136 35.11 -18.82 -10.78
N ASN A 137 33.86 -18.32 -11.07
CA ASN A 137 32.88 -18.99 -11.99
C ASN A 137 31.81 -18.03 -12.57
N PRO A 138 31.86 -17.71 -13.88
CA PRO A 138 30.90 -16.91 -14.65
C PRO A 138 29.53 -17.53 -15.01
N GLN A 139 29.41 -18.85 -15.12
CA GLN A 139 28.18 -19.43 -15.65
C GLN A 139 27.23 -19.70 -14.49
N GLU A 140 27.71 -19.32 -13.32
CA GLU A 140 26.96 -19.43 -12.08
C GLU A 140 26.59 -18.02 -11.62
N CYS A 141 25.33 -17.65 -11.75
CA CYS A 141 24.87 -16.30 -11.38
C CYS A 141 23.64 -16.40 -10.52
N LEU A 142 23.62 -15.62 -9.45
CA LEU A 142 22.54 -15.63 -8.49
C LEU A 142 21.62 -14.45 -8.72
N LEU A 143 20.32 -14.70 -8.61
CA LEU A 143 19.34 -13.63 -8.74
C LEU A 143 18.97 -13.14 -7.36
N LEU A 144 18.41 -11.93 -7.29
CA LEU A 144 18.10 -11.38 -5.99
C LEU A 144 17.04 -12.19 -5.23
N GLU A 145 15.94 -12.50 -5.89
CA GLU A 145 14.79 -13.08 -5.18
C GLU A 145 15.01 -14.52 -4.65
N PRO A 146 15.46 -15.47 -5.48
CA PRO A 146 15.74 -16.86 -5.10
C PRO A 146 17.18 -17.08 -4.66
N GLY A 147 17.97 -16.01 -4.63
CA GLY A 147 19.41 -16.16 -4.48
C GLY A 147 20.00 -15.27 -3.39
N LEU A 148 20.40 -14.07 -3.78
CA LEU A 148 21.19 -13.19 -2.91
C LEU A 148 20.45 -12.87 -1.61
N ASP A 149 19.13 -12.74 -1.69
CA ASP A 149 18.33 -12.40 -0.52
C ASP A 149 18.44 -13.47 0.56
N ASN A 150 18.68 -14.72 0.18
CA ASN A 150 18.74 -15.80 1.16
C ASN A 150 20.18 -16.04 1.63
N ILE A 151 21.09 -15.17 1.20
CA ILE A 151 22.46 -15.20 1.66
C ILE A 151 22.67 -14.11 2.71
N MET A 152 22.18 -12.91 2.41
CA MET A 152 22.32 -11.76 3.29
C MET A 152 21.60 -11.97 4.62
N GLY A 153 20.56 -12.80 4.59
CA GLY A 153 19.76 -13.05 5.78
C GLY A 153 20.16 -14.32 6.53
N THR A 154 21.25 -14.96 6.11
CA THR A 154 21.66 -16.20 6.76
C THR A 154 23.16 -16.29 7.04
N SER A 155 23.98 -15.95 6.06
CA SER A 155 25.39 -16.31 6.15
C SER A 155 26.11 -15.52 7.23
N LYS A 156 27.17 -16.10 7.78
CA LYS A 156 27.99 -15.45 8.80
C LYS A 156 29.40 -15.19 8.29
N ASP A 157 29.59 -15.43 7.00
CA ASP A 157 30.90 -15.27 6.39
C ASP A 157 31.08 -13.87 5.86
N TYR A 158 31.92 -13.10 6.53
CA TYR A 158 32.15 -11.71 6.19
C TYR A 158 32.40 -11.52 4.69
N ASN A 159 33.19 -12.44 4.12
CA ASN A 159 33.63 -12.29 2.74
C ASN A 159 32.53 -12.57 1.73
N GLU A 160 31.63 -13.49 2.06
CA GLU A 160 30.54 -13.82 1.15
C GLU A 160 29.47 -12.74 1.21
N ARG A 161 29.26 -12.20 2.41
CA ARG A 161 28.30 -11.13 2.60
C ARG A 161 28.74 -9.90 1.83
N LEU A 162 30.04 -9.62 1.86
CA LEU A 162 30.58 -8.48 1.13
C LEU A 162 30.39 -8.66 -0.36
N TRP A 163 30.66 -9.86 -0.86
CA TRP A 163 30.47 -10.11 -2.28
C TRP A 163 29.04 -9.85 -2.72
N ALA A 164 28.07 -10.41 -2.01
CA ALA A 164 26.68 -10.25 -2.41
C ALA A 164 26.25 -8.79 -2.32
N TRP A 165 26.67 -8.11 -1.27
CA TRP A 165 26.29 -6.72 -1.04
C TRP A 165 26.84 -5.81 -2.14
N GLU A 166 28.13 -5.93 -2.39
CA GLU A 166 28.81 -5.07 -3.34
C GLU A 166 28.45 -5.45 -4.77
N GLY A 167 28.35 -6.75 -5.02
CA GLY A 167 28.06 -7.24 -6.36
C GLY A 167 26.73 -6.73 -6.87
N TRP A 168 25.73 -6.72 -6.01
CA TRP A 168 24.42 -6.21 -6.43
C TRP A 168 24.54 -4.75 -6.86
N ARG A 169 25.16 -3.94 -6.02
CA ARG A 169 25.27 -2.51 -6.28
C ARG A 169 26.20 -2.20 -7.46
N ALA A 170 27.17 -3.08 -7.70
CA ALA A 170 28.11 -2.90 -8.79
C ALA A 170 27.60 -3.51 -10.09
N GLU A 171 26.41 -4.12 -10.07
CA GLU A 171 25.86 -4.75 -11.26
C GLU A 171 24.57 -4.08 -11.69
N VAL A 172 23.62 -3.97 -10.78
CA VAL A 172 22.35 -3.32 -11.11
C VAL A 172 22.48 -1.81 -10.91
N GLY A 173 23.21 -1.43 -9.86
CA GLY A 173 23.34 -0.02 -9.49
C GLY A 173 24.00 0.81 -10.59
N LYS A 174 24.95 0.23 -11.31
CA LYS A 174 25.66 0.93 -12.38
C LYS A 174 24.82 1.10 -13.63
N GLN A 175 23.73 0.34 -13.74
CA GLN A 175 22.88 0.42 -14.92
C GLN A 175 21.80 1.45 -14.74
N LEU A 176 21.40 1.68 -13.49
CA LEU A 176 20.29 2.56 -13.19
C LEU A 176 20.73 4.01 -12.98
N ARG A 177 22.04 4.25 -12.95
CA ARG A 177 22.50 5.61 -12.70
C ARG A 177 22.08 6.62 -13.77
N PRO A 178 22.39 6.40 -15.07
CA PRO A 178 22.05 7.32 -16.14
C PRO A 178 20.54 7.41 -16.38
N LEU A 179 19.83 6.36 -16.00
CA LEU A 179 18.38 6.35 -16.14
C LEU A 179 17.74 7.17 -15.05
N TYR A 180 18.30 7.10 -13.86
CA TYR A 180 17.75 7.84 -12.73
C TYR A 180 17.95 9.34 -12.96
N GLU A 181 19.06 9.70 -13.58
CA GLU A 181 19.33 11.11 -13.85
C GLU A 181 18.29 11.71 -14.80
N GLU A 182 17.95 10.97 -15.85
CA GLU A 182 16.95 11.45 -16.80
C GLU A 182 15.57 11.43 -16.16
N TYR A 183 15.33 10.43 -15.33
CA TYR A 183 14.09 10.27 -14.59
C TYR A 183 13.81 11.48 -13.70
N VAL A 184 14.80 11.91 -12.94
CA VAL A 184 14.61 13.05 -12.04
C VAL A 184 14.25 14.32 -12.80
N VAL A 185 14.95 14.57 -13.91
CA VAL A 185 14.71 15.78 -14.68
C VAL A 185 13.30 15.82 -15.28
N LEU A 186 12.89 14.70 -15.87
CA LEU A 186 11.58 14.62 -16.52
C LEU A 186 10.43 14.64 -15.51
N LYS A 187 10.62 14.00 -14.36
CA LYS A 187 9.58 13.98 -13.34
C LYS A 187 9.36 15.36 -12.74
N ASN A 188 10.41 16.15 -12.61
CA ASN A 188 10.25 17.51 -12.11
C ASN A 188 9.48 18.37 -13.08
N GLU A 189 9.75 18.23 -14.38
CA GLU A 189 9.00 18.98 -15.38
C GLU A 189 7.52 18.61 -15.33
N MET A 190 7.26 17.33 -15.16
CA MET A 190 5.90 16.83 -15.04
C MET A 190 5.18 17.41 -13.82
N ALA A 191 5.87 17.41 -12.68
CA ALA A 191 5.30 17.92 -11.44
C ALA A 191 4.97 19.41 -11.54
N ARG A 192 5.79 20.15 -12.27
CA ARG A 192 5.55 21.58 -12.42
C ARG A 192 4.33 21.86 -13.30
N GLY A 193 3.86 20.83 -14.02
CA GLY A 193 2.69 20.95 -14.86
C GLY A 193 1.42 20.94 -14.03
N TYR A 194 1.56 20.61 -12.75
CA TYR A 194 0.45 20.60 -11.81
C TYR A 194 0.59 21.75 -10.82
N HIS A 195 1.53 22.65 -11.14
CA HIS A 195 1.85 23.81 -10.32
C HIS A 195 2.48 23.47 -8.98
N TYR A 196 3.33 22.45 -8.95
CA TYR A 196 4.12 22.14 -7.77
C TYR A 196 5.57 22.56 -8.01
N GLU A 197 6.28 22.90 -6.95
CA GLU A 197 7.65 23.37 -7.11
C GLU A 197 8.55 22.28 -7.72
N ASP A 198 8.33 21.04 -7.30
CA ASP A 198 9.09 19.91 -7.80
C ASP A 198 8.35 18.61 -7.53
N TYR A 199 8.94 17.49 -7.94
CA TYR A 199 8.29 16.19 -7.76
C TYR A 199 8.25 15.75 -6.29
N GLY A 200 9.29 16.11 -5.54
CA GLY A 200 9.32 15.77 -4.13
C GLY A 200 8.16 16.44 -3.40
N ASP A 201 7.83 17.65 -3.83
CA ASP A 201 6.73 18.43 -3.28
C ASP A 201 5.39 17.82 -3.68
N TYR A 202 5.31 17.37 -4.92
CA TYR A 202 4.12 16.69 -5.44
C TYR A 202 3.78 15.47 -4.59
N TRP A 203 4.79 14.65 -4.31
CA TRP A 203 4.60 13.42 -3.55
C TRP A 203 3.91 13.60 -2.19
N ARG A 204 4.26 14.65 -1.47
CA ARG A 204 3.76 14.82 -0.11
C ARG A 204 2.55 15.74 -0.03
N ARG A 205 1.92 15.97 -1.18
CA ARG A 205 0.68 16.74 -1.24
C ARG A 205 -0.46 16.02 -0.52
N ASP A 206 -0.31 14.71 -0.36
CA ASP A 206 -1.34 13.87 0.26
C ASP A 206 -1.55 14.19 1.73
N TYR A 207 -0.57 14.83 2.35
CA TYR A 207 -0.66 15.14 3.77
C TYR A 207 -1.24 16.52 4.00
N GLU A 208 -1.51 17.24 2.92
CA GLU A 208 -1.98 18.61 3.03
C GLU A 208 -3.48 18.65 3.28
N THR A 209 -3.91 19.53 4.18
CA THR A 209 -5.32 19.67 4.48
C THR A 209 -5.78 21.12 4.45
N GLU A 210 -7.05 21.32 4.13
CA GLU A 210 -7.65 22.65 4.16
C GLU A 210 -8.78 22.68 5.18
N GLY A 211 -8.97 23.83 5.80
CA GLY A 211 -10.01 23.96 6.82
C GLY A 211 -9.69 25.08 7.79
N SER A 212 -10.24 24.99 9.00
CA SER A 212 -10.01 25.99 10.03
C SER A 212 -8.52 26.13 10.35
N PRO A 213 -8.06 27.32 10.79
CA PRO A 213 -6.70 27.65 11.18
C PRO A 213 -6.12 26.66 12.20
N ASP A 214 -6.99 25.99 12.95
CA ASP A 214 -6.54 25.04 13.95
C ASP A 214 -6.34 23.64 13.37
N LEU A 215 -7.06 23.36 12.26
CA LEU A 215 -7.06 22.02 11.66
C LEU A 215 -6.39 21.99 10.29
N GLU A 216 -5.65 23.05 9.95
CA GLU A 216 -4.97 23.09 8.66
C GLU A 216 -3.61 22.43 8.75
N TYR A 217 -3.09 22.01 7.61
CA TYR A 217 -1.76 21.40 7.55
C TYR A 217 -1.16 21.67 6.17
N SER A 218 0.08 22.17 6.13
CA SER A 218 0.71 22.47 4.84
C SER A 218 1.59 21.31 4.38
N ARG A 219 1.65 21.07 3.07
CA ARG A 219 2.51 20.01 2.57
C ARG A 219 3.98 20.22 2.95
N ASP A 220 4.39 21.49 3.07
CA ASP A 220 5.78 21.81 3.43
C ASP A 220 5.99 21.76 4.93
N GLN A 221 4.97 21.31 5.66
CA GLN A 221 5.06 21.13 7.09
C GLN A 221 5.54 19.73 7.40
N LEU A 222 5.34 18.79 6.47
CA LEU A 222 5.72 17.42 6.70
C LEU A 222 7.22 17.31 6.87
N THR A 223 7.97 18.12 6.13
CA THR A 223 9.42 18.03 6.17
C THR A 223 9.96 18.56 7.49
N LYS A 224 9.09 19.22 8.26
CA LYS A 224 9.47 19.74 9.56
C LYS A 224 9.06 18.78 10.67
N ASP A 225 7.91 18.14 10.49
CA ASP A 225 7.35 17.27 11.51
C ASP A 225 8.05 15.91 11.63
N VAL A 226 8.46 15.35 10.50
CA VAL A 226 9.14 14.05 10.55
C VAL A 226 10.52 14.19 11.19
N GLU A 227 11.15 15.33 10.98
CA GLU A 227 12.44 15.61 11.60
C GLU A 227 12.30 15.72 13.11
N ARG A 228 11.24 16.39 13.55
CA ARG A 228 10.96 16.54 14.97
C ARG A 228 10.79 15.19 15.65
N ILE A 229 10.00 14.31 15.04
CA ILE A 229 9.76 12.99 15.61
C ILE A 229 11.06 12.19 15.65
N PHE A 230 11.85 12.28 14.59
CA PHE A 230 13.11 11.54 14.54
C PHE A 230 14.03 11.91 15.68
N ALA A 231 14.18 13.21 15.94
CA ALA A 231 15.06 13.67 17.01
C ALA A 231 14.65 13.06 18.34
N GLU A 232 13.34 12.87 18.53
CA GLU A 232 12.81 12.27 19.75
C GLU A 232 13.05 10.77 19.82
N ILE A 233 13.13 10.12 18.66
CA ILE A 233 13.37 8.67 18.59
C ILE A 233 14.84 8.33 18.84
N LYS A 234 15.73 9.14 18.27
CA LYS A 234 17.16 8.85 18.25
C LYS A 234 17.74 8.31 19.57
N PRO A 235 17.47 8.90 20.75
CA PRO A 235 18.00 8.46 22.04
C PRO A 235 17.74 6.98 22.33
N LEU A 236 16.67 6.41 21.76
CA LEU A 236 16.37 5.01 21.97
C LEU A 236 17.12 4.18 20.95
N TYR A 237 17.19 4.69 19.72
CA TYR A 237 17.91 4.01 18.65
C TYR A 237 19.37 3.84 19.00
N GLU A 238 19.97 4.86 19.60
CA GLU A 238 21.38 4.80 19.97
C GLU A 238 21.67 3.67 20.95
N GLN A 239 20.72 3.40 21.85
CA GLN A 239 20.89 2.33 22.82
C GLN A 239 20.77 0.96 22.15
N LEU A 240 19.85 0.86 21.19
CA LEU A 240 19.68 -0.36 20.43
C LEU A 240 20.90 -0.63 19.56
N HIS A 241 21.41 0.44 18.95
CA HIS A 241 22.57 0.39 18.10
C HIS A 241 23.80 -0.09 18.86
N ALA A 242 24.06 0.53 20.00
CA ALA A 242 25.23 0.18 20.80
C ALA A 242 25.17 -1.28 21.25
N TYR A 243 23.98 -1.75 21.64
CA TYR A 243 23.82 -3.12 22.08
C TYR A 243 24.11 -4.11 20.97
N VAL A 244 23.54 -3.85 19.80
CA VAL A 244 23.76 -4.70 18.64
C VAL A 244 25.22 -4.73 18.26
N ARG A 245 25.87 -3.58 18.31
CA ARG A 245 27.28 -3.48 17.98
C ARG A 245 28.15 -4.34 18.88
N THR A 246 27.93 -4.29 20.19
CA THR A 246 28.77 -5.06 21.10
C THR A 246 28.52 -6.56 21.01
N LYS A 247 27.28 -6.95 20.71
CA LYS A 247 26.95 -8.36 20.54
C LYS A 247 27.42 -8.89 19.17
N LEU A 248 27.29 -8.04 18.15
CA LEU A 248 27.65 -8.41 16.79
C LEU A 248 29.15 -8.58 16.65
N MET A 249 29.89 -7.84 17.47
CA MET A 249 31.35 -7.87 17.48
C MET A 249 31.92 -9.25 17.81
N ASP A 250 31.10 -10.10 18.44
CA ASP A 250 31.55 -11.44 18.82
C ASP A 250 31.33 -12.44 17.69
N THR A 251 30.67 -12.00 16.63
CA THR A 251 30.43 -12.83 15.46
C THR A 251 31.35 -12.42 14.33
N TYR A 252 31.66 -11.12 14.29
CA TYR A 252 32.54 -10.56 13.27
C TYR A 252 33.68 -9.77 13.90
N PRO A 253 34.61 -10.44 14.59
CA PRO A 253 35.71 -9.85 15.32
C PRO A 253 36.68 -9.22 14.34
N PHE A 254 37.33 -8.15 14.77
CA PHE A 254 38.31 -7.44 13.96
C PHE A 254 37.68 -6.67 12.80
N HIS A 255 36.35 -6.72 12.66
CA HIS A 255 35.68 -5.98 11.59
C HIS A 255 34.83 -4.84 12.13
N ILE A 256 34.48 -4.91 13.41
CA ILE A 256 33.63 -3.92 14.04
C ILE A 256 34.37 -3.21 15.18
N SER A 257 34.40 -1.87 15.12
CA SER A 257 35.04 -1.06 16.15
C SER A 257 34.02 -0.73 17.25
N PRO A 258 34.43 -0.71 18.54
CA PRO A 258 33.61 -0.35 19.69
C PRO A 258 33.21 1.13 19.68
N THR A 259 33.92 1.93 18.91
CA THR A 259 33.58 3.34 18.72
C THR A 259 33.58 3.66 17.23
N GLY A 260 32.43 3.51 16.59
CA GLY A 260 32.34 3.65 15.14
C GLY A 260 30.99 3.17 14.61
N CYS A 261 30.87 3.15 13.28
CA CYS A 261 29.64 2.76 12.61
C CYS A 261 29.65 1.27 12.27
N LEU A 262 28.48 0.70 12.09
CA LEU A 262 28.39 -0.69 11.66
C LEU A 262 28.59 -0.77 10.16
N PRO A 263 29.34 -1.75 9.64
CA PRO A 263 29.45 -2.09 8.24
C PRO A 263 28.08 -2.37 7.65
N ALA A 264 27.82 -1.80 6.48
CA ALA A 264 26.52 -1.91 5.84
C ALA A 264 26.09 -3.34 5.54
N HIS A 265 27.06 -4.20 5.20
CA HIS A 265 26.72 -5.54 4.75
C HIS A 265 26.50 -6.53 5.88
N LEU A 266 26.70 -6.11 7.13
CA LEU A 266 26.57 -7.02 8.26
C LEU A 266 25.28 -6.84 9.04
N LEU A 267 24.29 -6.20 8.43
CA LEU A 267 23.03 -5.91 9.12
C LEU A 267 21.95 -6.96 8.89
N GLY A 268 22.29 -8.03 8.18
CA GLY A 268 21.35 -9.12 7.94
C GLY A 268 20.38 -8.81 6.79
N ASP A 269 20.74 -7.86 5.94
CA ASP A 269 19.87 -7.45 4.86
C ASP A 269 20.65 -6.84 3.70
N MET A 270 20.08 -6.94 2.51
CA MET A 270 20.70 -6.38 1.30
C MET A 270 20.78 -4.86 1.34
N TRP A 271 19.82 -4.21 2.01
CA TRP A 271 19.81 -2.76 2.05
C TRP A 271 19.98 -2.22 3.46
N GLY A 272 19.69 -3.06 4.46
CA GLY A 272 19.77 -2.64 5.85
C GLY A 272 18.46 -2.01 6.28
N ARG A 273 17.36 -2.42 5.64
CA ARG A 273 16.05 -1.86 5.94
C ARG A 273 15.55 -2.34 7.29
N PHE A 274 15.77 -3.61 7.59
CA PHE A 274 15.35 -4.20 8.85
C PHE A 274 16.53 -4.90 9.53
N TRP A 275 16.50 -4.97 10.86
CA TRP A 275 17.52 -5.68 11.61
C TRP A 275 17.00 -7.01 12.15
N THR A 276 15.88 -7.47 11.59
CA THR A 276 15.24 -8.70 12.07
C THR A 276 16.19 -9.88 12.11
N ASN A 277 16.99 -10.03 11.07
CA ASN A 277 17.83 -11.20 10.90
C ASN A 277 19.07 -11.20 11.78
N LEU A 278 19.23 -10.14 12.56
CA LEU A 278 20.35 -10.11 13.49
C LEU A 278 19.92 -10.73 14.82
N TYR A 279 18.63 -11.01 14.96
CA TYR A 279 18.13 -11.49 16.23
C TYR A 279 18.91 -12.70 16.75
N PRO A 280 19.14 -13.76 15.94
CA PRO A 280 19.80 -15.00 16.32
C PRO A 280 21.22 -14.76 16.82
N LEU A 281 21.78 -13.59 16.51
CA LEU A 281 23.13 -13.23 16.90
C LEU A 281 23.15 -12.34 18.13
N THR A 282 22.06 -11.62 18.35
CA THR A 282 22.02 -10.55 19.34
C THR A 282 20.87 -10.73 20.34
N VAL A 283 20.57 -11.98 20.66
CA VAL A 283 19.40 -12.31 21.47
C VAL A 283 19.69 -12.18 22.98
N PRO A 284 18.92 -11.33 23.69
CA PRO A 284 19.02 -11.01 25.11
C PRO A 284 19.17 -12.25 25.98
N PHE A 285 18.25 -13.20 25.83
CA PHE A 285 18.26 -14.38 26.68
C PHE A 285 18.18 -15.64 25.85
N ALA A 286 19.33 -16.09 25.36
CA ALA A 286 19.40 -17.21 24.41
C ALA A 286 18.84 -18.51 24.98
N GLN A 287 18.75 -18.59 26.30
CA GLN A 287 18.26 -19.80 26.96
C GLN A 287 16.75 -19.81 27.10
N LYS A 288 16.09 -18.73 26.68
CA LYS A 288 14.64 -18.67 26.70
C LYS A 288 14.08 -18.81 25.29
N PRO A 289 13.14 -19.72 25.07
CA PRO A 289 12.48 -19.99 23.82
C PRO A 289 11.48 -18.89 23.51
N ASN A 290 11.23 -18.66 22.23
CA ASN A 290 10.15 -17.77 21.82
C ASN A 290 8.89 -18.58 21.60
N ILE A 291 7.74 -17.92 21.70
CA ILE A 291 6.48 -18.59 21.47
C ILE A 291 6.25 -18.83 19.99
N ASP A 292 6.00 -20.08 19.65
CA ASP A 292 5.78 -20.52 18.29
C ASP A 292 4.74 -21.64 18.28
N VAL A 293 3.56 -21.34 17.76
CA VAL A 293 2.44 -22.27 17.83
C VAL A 293 2.20 -22.96 16.51
N THR A 294 3.20 -22.95 15.66
CA THR A 294 3.12 -23.72 14.41
C THR A 294 2.86 -25.18 14.70
N ASP A 295 3.55 -25.72 15.70
CA ASP A 295 3.38 -27.12 16.07
C ASP A 295 2.01 -27.37 16.68
N ALA A 296 1.50 -26.40 17.44
CA ALA A 296 0.18 -26.52 18.06
C ALA A 296 -0.90 -26.53 16.99
N MET A 297 -0.72 -25.72 15.95
CA MET A 297 -1.69 -25.63 14.88
C MET A 297 -1.73 -26.94 14.08
N LEU A 298 -0.56 -27.51 13.82
CA LEU A 298 -0.51 -28.77 13.10
C LEU A 298 -1.04 -29.95 13.95
N ASN A 299 -0.53 -30.03 15.22
CA ASN A 299 -0.97 -31.07 16.13
C ASN A 299 -2.53 -31.08 16.22
N GLN A 300 -3.12 -29.91 16.52
CA GLN A 300 -4.61 -29.83 16.62
C GLN A 300 -5.37 -29.97 15.30
N THR A 301 -4.64 -30.18 14.21
CA THR A 301 -5.23 -30.42 12.90
C THR A 301 -5.93 -29.18 12.37
N TRP A 302 -5.19 -28.08 12.29
CA TRP A 302 -5.67 -26.86 11.67
C TRP A 302 -5.46 -26.89 10.17
N ASP A 303 -6.36 -26.29 9.43
CA ASP A 303 -6.18 -26.11 8.00
C ASP A 303 -6.02 -24.63 7.68
N ALA A 304 -5.90 -24.33 6.39
CA ALA A 304 -5.69 -22.95 5.97
C ALA A 304 -6.94 -22.10 6.17
N LYS A 305 -8.12 -22.71 6.07
CA LYS A 305 -9.37 -22.00 6.23
C LYS A 305 -9.62 -21.58 7.68
N ARG A 306 -9.33 -22.48 8.62
CA ARG A 306 -9.59 -22.18 10.03
C ARG A 306 -8.90 -20.92 10.49
N ILE A 307 -7.75 -20.61 9.90
CA ILE A 307 -7.02 -19.40 10.25
C ILE A 307 -7.83 -18.14 9.99
N PHE A 308 -8.55 -18.11 8.87
CA PHE A 308 -9.34 -16.94 8.51
C PHE A 308 -10.62 -16.88 9.32
N LYS A 309 -11.15 -18.05 9.67
CA LYS A 309 -12.35 -18.09 10.51
C LYS A 309 -12.05 -17.53 11.89
N GLU A 310 -10.85 -17.82 12.39
CA GLU A 310 -10.44 -17.27 13.68
C GLU A 310 -10.15 -15.78 13.58
N ALA A 311 -9.59 -15.35 12.45
CA ALA A 311 -9.37 -13.92 12.23
C ALA A 311 -10.69 -13.18 12.24
N GLU A 312 -11.69 -13.75 11.59
CA GLU A 312 -13.02 -13.15 11.58
C GLU A 312 -13.57 -13.02 12.99
N LYS A 313 -13.46 -14.09 13.75
CA LYS A 313 -13.99 -14.10 15.11
C LYS A 313 -13.43 -12.96 15.93
N PHE A 314 -12.14 -12.69 15.77
CA PHE A 314 -11.52 -11.58 16.48
C PHE A 314 -12.19 -10.25 16.18
N PHE A 315 -12.39 -9.95 14.91
CA PHE A 315 -13.00 -8.68 14.51
C PHE A 315 -14.46 -8.60 14.95
N VAL A 316 -15.15 -9.71 14.84
CA VAL A 316 -16.55 -9.78 15.25
C VAL A 316 -16.71 -9.49 16.73
N SER A 317 -15.78 -9.99 17.55
CA SER A 317 -15.89 -9.83 19.00
C SER A 317 -15.83 -8.38 19.45
N ILE A 318 -15.34 -7.49 18.58
CA ILE A 318 -15.24 -6.08 18.94
C ILE A 318 -16.30 -5.25 18.20
N GLY A 319 -17.27 -5.92 17.60
CA GLY A 319 -18.43 -5.22 17.03
C GLY A 319 -18.31 -4.90 15.55
N LEU A 320 -17.31 -5.44 14.87
CA LEU A 320 -17.19 -5.21 13.43
C LEU A 320 -18.05 -6.24 12.68
N PRO A 321 -18.48 -5.94 11.45
CA PRO A 321 -19.25 -6.79 10.56
C PRO A 321 -18.57 -8.11 10.25
N HIS A 322 -19.40 -9.13 10.00
CA HIS A 322 -18.93 -10.44 9.57
C HIS A 322 -18.50 -10.39 8.11
N MET A 323 -17.67 -11.33 7.69
CA MET A 323 -17.28 -11.40 6.29
C MET A 323 -18.44 -11.92 5.45
N THR A 324 -18.64 -11.33 4.28
CA THR A 324 -19.73 -11.69 3.40
C THR A 324 -19.46 -13.00 2.65
N GLU A 325 -20.52 -13.59 2.11
CA GLU A 325 -20.44 -14.87 1.43
C GLU A 325 -19.56 -14.80 0.20
N GLY A 326 -19.65 -13.68 -0.49
CA GLY A 326 -18.85 -13.47 -1.70
C GLY A 326 -17.38 -13.60 -1.39
N PHE A 327 -16.96 -13.11 -0.24
CA PHE A 327 -15.58 -13.22 0.19
C PHE A 327 -15.17 -14.68 0.34
N TRP A 328 -15.99 -15.44 1.07
CA TRP A 328 -15.67 -16.84 1.35
C TRP A 328 -15.65 -17.75 0.13
N ASN A 329 -16.41 -17.46 -0.93
CA ASN A 329 -16.59 -18.26 -2.09
C ASN A 329 -15.69 -17.94 -3.31
N ASN A 330 -15.15 -16.68 -3.27
CA ASN A 330 -14.43 -16.15 -4.43
C ASN A 330 -12.96 -15.92 -4.14
N SER A 331 -12.64 -15.70 -2.87
CA SER A 331 -11.26 -15.45 -2.49
C SER A 331 -10.40 -16.67 -2.69
N MET A 332 -9.18 -16.44 -3.15
CA MET A 332 -8.18 -17.48 -3.19
C MET A 332 -7.36 -17.43 -1.91
N LEU A 333 -7.82 -18.12 -0.88
CA LEU A 333 -7.18 -18.05 0.42
C LEU A 333 -6.02 -19.03 0.51
N THR A 334 -6.12 -20.10 -0.26
CA THR A 334 -5.13 -21.16 -0.27
C THR A 334 -4.71 -21.47 -1.71
N ASP A 335 -3.44 -21.79 -1.91
CA ASP A 335 -2.97 -22.19 -3.23
C ASP A 335 -3.79 -23.39 -3.71
N PRO A 336 -4.40 -23.30 -4.91
CA PRO A 336 -5.35 -24.23 -5.49
C PRO A 336 -4.78 -25.62 -5.80
N GLY A 337 -3.46 -25.76 -5.72
CA GLY A 337 -2.84 -27.04 -6.00
C GLY A 337 -2.03 -26.99 -7.28
N ASP A 338 -2.67 -27.29 -8.41
CA ASP A 338 -1.99 -27.27 -9.69
C ASP A 338 -2.94 -26.94 -10.83
N GLY A 339 -2.40 -26.85 -12.04
CA GLY A 339 -3.18 -26.55 -13.24
C GLY A 339 -3.07 -25.08 -13.64
N ARG A 340 -2.61 -24.26 -12.70
CA ARG A 340 -2.43 -22.83 -12.96
C ARG A 340 -1.43 -22.23 -12.00
N LYS A 341 -0.65 -21.26 -12.48
CA LYS A 341 0.29 -20.55 -11.64
C LYS A 341 -0.39 -19.33 -11.01
N VAL A 342 -0.14 -19.12 -9.71
CA VAL A 342 -0.71 -17.99 -8.99
C VAL A 342 0.37 -17.09 -8.42
N VAL A 343 0.01 -15.85 -8.11
CA VAL A 343 0.95 -14.94 -7.44
C VAL A 343 0.79 -15.03 -5.93
N CYS A 344 1.64 -15.77 -5.25
CA CYS A 344 1.63 -16.00 -3.79
C CYS A 344 2.18 -14.79 -3.08
N HIS A 345 1.61 -13.65 -3.18
CA HIS A 345 2.00 -12.43 -2.50
C HIS A 345 0.76 -11.88 -1.82
N PRO A 346 0.60 -12.10 -0.51
CA PRO A 346 -0.58 -11.77 0.27
C PRO A 346 -1.01 -10.33 0.05
N THR A 347 -2.28 -10.15 -0.27
CA THR A 347 -2.86 -8.82 -0.45
C THR A 347 -4.38 -8.85 -0.35
N ALA A 348 -4.98 -7.78 0.18
CA ALA A 348 -6.43 -7.69 0.24
C ALA A 348 -6.93 -6.86 -0.93
N TRP A 349 -8.02 -7.30 -1.53
CA TRP A 349 -8.56 -6.64 -2.71
C TRP A 349 -9.92 -6.02 -2.46
N ASP A 350 -10.13 -4.85 -3.04
CA ASP A 350 -11.46 -4.27 -3.16
C ASP A 350 -11.79 -4.16 -4.63
N LEU A 351 -12.64 -5.07 -5.12
CA LEU A 351 -12.92 -5.16 -6.53
C LEU A 351 -13.94 -4.09 -6.93
N GLY A 352 -14.57 -3.49 -5.94
CA GLY A 352 -15.63 -2.54 -6.19
C GLY A 352 -17.00 -3.18 -6.12
N LYS A 353 -18.03 -2.36 -5.93
CA LYS A 353 -19.41 -2.80 -5.95
C LYS A 353 -19.70 -3.94 -4.98
N GLY A 354 -19.15 -3.86 -3.78
CA GLY A 354 -19.45 -4.82 -2.72
C GLY A 354 -18.67 -6.12 -2.86
N ASP A 355 -17.77 -6.18 -3.83
CA ASP A 355 -16.99 -7.38 -4.08
C ASP A 355 -15.63 -7.32 -3.39
N PHE A 356 -15.50 -8.02 -2.27
CA PHE A 356 -14.27 -7.97 -1.48
C PHE A 356 -13.61 -9.34 -1.45
N ARG A 357 -12.29 -9.38 -1.59
CA ARG A 357 -11.57 -10.64 -1.63
C ARG A 357 -10.20 -10.56 -0.98
N ILE A 358 -9.67 -11.71 -0.57
CA ILE A 358 -8.27 -11.79 -0.14
C ILE A 358 -7.51 -12.82 -0.98
N LYS A 359 -6.33 -12.43 -1.44
CA LYS A 359 -5.51 -13.32 -2.24
C LYS A 359 -4.26 -13.76 -1.47
N MET A 360 -4.23 -15.03 -1.10
CA MET A 360 -3.15 -15.59 -0.30
C MET A 360 -2.85 -17.02 -0.68
N CYS A 361 -1.66 -17.49 -0.29
CA CYS A 361 -1.28 -18.90 -0.37
C CYS A 361 -0.99 -19.35 1.05
N THR A 362 -2.06 -19.47 1.83
CA THR A 362 -1.97 -19.64 3.28
C THR A 362 -1.41 -20.99 3.70
N LYS A 363 -0.50 -20.96 4.68
CA LYS A 363 0.07 -22.16 5.26
C LYS A 363 -0.22 -22.22 6.75
N VAL A 364 -0.26 -23.43 7.31
CA VAL A 364 -0.57 -23.57 8.73
C VAL A 364 0.66 -23.27 9.58
N THR A 365 0.89 -21.99 9.79
CA THR A 365 2.05 -21.50 10.54
C THR A 365 1.63 -20.34 11.43
N MET A 366 2.49 -19.96 12.37
CA MET A 366 2.17 -18.82 13.22
C MET A 366 2.33 -17.51 12.47
N GLU A 367 3.36 -17.42 11.65
CA GLU A 367 3.65 -16.18 10.96
C GLU A 367 2.55 -15.83 9.96
N ASP A 368 1.91 -16.86 9.40
CA ASP A 368 0.86 -16.62 8.43
C ASP A 368 -0.49 -16.52 9.13
N PHE A 369 -0.48 -16.70 10.44
CA PHE A 369 -1.66 -16.52 11.27
C PHE A 369 -1.82 -15.04 11.50
N LEU A 370 -0.74 -14.40 11.89
CA LEU A 370 -0.73 -12.97 12.13
C LEU A 370 -0.99 -12.20 10.84
N THR A 371 -0.47 -12.71 9.73
CA THR A 371 -0.70 -12.11 8.42
C THR A 371 -2.18 -12.11 8.05
N ALA A 372 -2.88 -13.21 8.31
CA ALA A 372 -4.31 -13.31 8.00
C ALA A 372 -5.09 -12.23 8.74
N HIS A 373 -4.70 -11.94 9.97
CA HIS A 373 -5.33 -10.90 10.76
C HIS A 373 -5.08 -9.53 10.16
N HIS A 374 -3.85 -9.36 9.69
CA HIS A 374 -3.43 -8.12 9.07
C HIS A 374 -4.16 -7.84 7.76
N GLU A 375 -4.26 -8.82 6.86
CA GLU A 375 -4.95 -8.58 5.59
C GLU A 375 -6.49 -8.45 5.80
N MET A 376 -7.11 -9.18 6.80
CA MET A 376 -8.52 -8.94 7.13
C MET A 376 -8.72 -7.55 7.78
N GLY A 377 -7.66 -6.96 8.39
CA GLY A 377 -7.75 -5.58 8.86
C GLY A 377 -8.00 -4.63 7.69
N HIS A 378 -7.36 -4.92 6.55
CA HIS A 378 -7.57 -4.08 5.35
C HIS A 378 -9.01 -4.11 4.84
N ILE A 379 -9.55 -5.33 4.78
CA ILE A 379 -10.85 -5.58 4.15
C ILE A 379 -11.98 -5.01 5.01
N GLN A 380 -11.83 -4.98 6.35
CA GLN A 380 -12.76 -4.31 7.24
C GLN A 380 -12.81 -2.79 7.00
N TYR A 381 -11.65 -2.21 6.69
CA TYR A 381 -11.55 -0.79 6.42
C TYR A 381 -12.21 -0.47 5.08
N ASP A 382 -11.95 -1.30 4.09
CA ASP A 382 -12.48 -1.10 2.75
C ASP A 382 -14.00 -1.14 2.76
N MET A 383 -14.54 -2.02 3.58
CA MET A 383 -15.99 -2.11 3.76
C MET A 383 -16.52 -0.87 4.47
N ALA A 384 -15.79 -0.40 5.47
CA ALA A 384 -16.25 0.69 6.32
C ALA A 384 -16.59 1.95 5.54
N TYR A 385 -15.81 2.28 4.52
CA TYR A 385 -16.06 3.50 3.77
C TYR A 385 -16.65 3.24 2.38
N ALA A 386 -17.23 2.07 2.20
CA ALA A 386 -17.82 1.72 0.92
C ALA A 386 -18.96 2.68 0.53
N SER A 387 -19.53 3.35 1.52
CA SER A 387 -20.68 4.22 1.27
C SER A 387 -20.28 5.59 0.71
N GLN A 388 -18.99 5.88 0.72
CA GLN A 388 -18.47 7.16 0.24
C GLN A 388 -18.55 7.25 -1.29
N PRO A 389 -18.57 8.45 -1.88
CA PRO A 389 -18.40 8.75 -3.29
C PRO A 389 -17.11 8.12 -3.79
N TYR A 390 -17.12 7.64 -5.02
CA TYR A 390 -16.00 6.88 -5.58
C TYR A 390 -14.64 7.50 -5.27
N LEU A 391 -14.51 8.79 -5.52
CA LEU A 391 -13.21 9.45 -5.38
C LEU A 391 -12.78 9.58 -3.93
N LEU A 392 -13.71 9.41 -3.00
CA LEU A 392 -13.42 9.55 -1.58
C LEU A 392 -13.34 8.19 -0.89
N ARG A 393 -13.38 7.12 -1.67
CA ARG A 393 -13.28 5.77 -1.12
C ARG A 393 -11.83 5.38 -0.90
N ASN A 394 -11.24 5.99 0.10
CA ASN A 394 -9.84 5.76 0.45
C ASN A 394 -9.63 6.09 1.92
N GLY A 395 -8.40 5.94 2.40
CA GLY A 395 -8.10 6.27 3.78
C GLY A 395 -8.00 7.78 3.95
N ALA A 396 -8.09 8.25 5.20
CA ALA A 396 -7.94 9.67 5.49
C ALA A 396 -6.57 10.14 5.07
N ASN A 397 -5.61 9.23 5.17
CA ASN A 397 -4.22 9.48 4.90
C ASN A 397 -3.60 8.18 4.40
N GLU A 398 -2.52 8.26 3.65
CA GLU A 398 -1.90 7.04 3.16
C GLU A 398 -1.31 6.20 4.27
N GLY A 399 -0.99 6.84 5.39
CA GLY A 399 -0.40 6.14 6.52
C GLY A 399 -1.45 5.52 7.44
N PHE A 400 -2.72 5.84 7.22
CA PHE A 400 -3.75 5.28 8.09
C PHE A 400 -4.05 3.84 7.70
N HIS A 401 -4.17 3.59 6.40
CA HIS A 401 -4.48 2.26 5.90
C HIS A 401 -3.52 1.20 6.45
N GLU A 402 -2.27 1.34 6.52
CA GLU A 402 -1.39 0.41 7.16
C GLU A 402 -1.36 0.58 8.63
N ALA A 403 -1.55 1.69 9.24
CA ALA A 403 -1.69 1.74 10.74
C ALA A 403 -2.87 0.89 11.24
N VAL A 404 -4.03 0.96 10.56
CA VAL A 404 -5.22 0.19 10.96
C VAL A 404 -4.99 -1.30 10.82
N GLY A 405 -4.35 -1.70 9.74
CA GLY A 405 -4.01 -3.09 9.53
C GLY A 405 -3.03 -3.60 10.58
N GLU A 406 -1.91 -2.95 10.77
CA GLU A 406 -0.92 -3.41 11.73
C GLU A 406 -1.32 -3.37 13.14
N VAL A 407 -2.05 -2.39 13.61
CA VAL A 407 -2.41 -2.31 15.03
C VAL A 407 -3.16 -3.54 15.49
N MET A 408 -3.77 -4.25 14.53
CA MET A 408 -4.52 -5.45 14.84
C MET A 408 -3.62 -6.64 15.11
N SER A 409 -2.42 -6.66 14.54
CA SER A 409 -1.52 -7.80 14.72
C SER A 409 -0.81 -7.75 16.07
N LEU A 410 -0.82 -6.59 16.71
CA LEU A 410 -0.19 -6.42 18.02
C LEU A 410 -1.04 -7.05 19.13
N SER A 411 -2.36 -6.99 18.96
CA SER A 411 -3.30 -7.45 19.98
C SER A 411 -3.49 -8.97 19.98
N VAL A 412 -3.03 -9.64 18.93
CA VAL A 412 -3.24 -11.08 18.81
C VAL A 412 -1.92 -11.86 18.84
N ALA A 413 -0.83 -11.12 19.05
CA ALA A 413 0.48 -11.71 19.22
C ALA A 413 0.76 -11.91 20.70
N THR A 414 -0.19 -11.46 21.51
CA THR A 414 -0.08 -11.50 22.96
C THR A 414 -0.45 -12.91 23.48
N PRO A 415 0.41 -13.54 24.30
CA PRO A 415 0.25 -14.87 24.87
C PRO A 415 -1.13 -15.06 25.47
N LYS A 416 -1.69 -14.01 26.07
CA LYS A 416 -3.02 -14.09 26.65
C LYS A 416 -4.05 -14.56 25.62
N HIS A 417 -3.90 -14.11 24.38
CA HIS A 417 -4.82 -14.45 23.31
C HIS A 417 -4.64 -15.91 22.91
N LEU A 418 -3.39 -16.33 22.78
CA LEU A 418 -3.08 -17.70 22.38
C LEU A 418 -3.54 -18.70 23.44
N LYS A 419 -3.46 -18.30 24.72
CA LYS A 419 -3.89 -19.16 25.80
C LYS A 419 -5.40 -19.38 25.78
N THR A 420 -6.17 -18.33 25.52
CA THR A 420 -7.63 -18.49 25.45
C THR A 420 -8.04 -19.23 24.19
N MET A 421 -7.26 -19.05 23.12
CA MET A 421 -7.51 -19.76 21.87
C MET A 421 -7.19 -21.25 21.99
N GLY A 422 -6.21 -21.58 22.83
CA GLY A 422 -5.82 -22.96 23.04
C GLY A 422 -4.61 -23.35 22.19
N LEU A 423 -3.93 -22.36 21.61
CA LEU A 423 -2.74 -22.63 20.82
C LEU A 423 -1.48 -22.69 21.67
N LEU A 424 -1.45 -21.92 22.74
CA LEU A 424 -0.31 -21.94 23.64
C LEU A 424 -0.64 -22.87 24.81
N SER A 425 0.32 -23.70 25.20
CA SER A 425 0.06 -24.74 26.21
C SER A 425 -0.56 -24.17 27.47
N PRO A 426 -1.48 -24.92 28.11
CA PRO A 426 -2.12 -24.58 29.36
C PRO A 426 -1.09 -24.56 30.46
N ASP A 427 -1.24 -23.63 31.40
CA ASP A 427 -0.33 -23.49 32.53
C ASP A 427 1.08 -23.08 32.11
N PHE A 428 1.22 -22.61 30.88
CA PHE A 428 2.49 -22.09 30.38
C PHE A 428 2.93 -20.89 31.22
N LEU A 429 4.22 -20.88 31.59
CA LEU A 429 4.74 -19.83 32.46
C LEU A 429 5.51 -18.76 31.70
N GLU A 430 5.15 -17.52 31.94
CA GLU A 430 5.82 -16.37 31.36
C GLU A 430 6.31 -15.47 32.49
N ASP A 431 7.34 -14.69 32.21
CA ASP A 431 7.99 -13.87 33.21
C ASP A 431 8.48 -12.57 32.56
N ASN A 432 9.20 -11.73 33.33
CA ASN A 432 9.71 -10.48 32.82
C ASN A 432 11.05 -10.65 32.06
N GLU A 433 11.65 -11.86 32.14
CA GLU A 433 12.87 -12.12 31.37
C GLU A 433 12.48 -12.28 29.90
N THR A 434 11.34 -12.92 29.65
CA THR A 434 10.94 -13.16 28.28
C THR A 434 10.18 -12.02 27.61
N GLU A 435 9.73 -11.02 28.37
CA GLU A 435 9.00 -9.92 27.74
C GLU A 435 9.98 -9.05 26.94
N ILE A 436 11.21 -8.97 27.43
CA ILE A 436 12.27 -8.18 26.82
C ILE A 436 12.87 -8.97 25.69
N ASN A 437 12.96 -10.26 25.91
CA ASN A 437 13.48 -11.09 24.85
C ASN A 437 12.59 -10.83 23.62
N PHE A 438 11.28 -10.72 23.88
CA PHE A 438 10.27 -10.39 22.88
C PHE A 438 10.35 -8.95 22.35
N LEU A 439 10.37 -7.96 23.25
CA LEU A 439 10.40 -6.58 22.78
C LEU A 439 11.64 -6.29 21.95
N PHE A 440 12.76 -6.90 22.32
CA PHE A 440 13.97 -6.69 21.56
C PHE A 440 13.75 -7.09 20.11
N LYS A 441 13.18 -8.28 19.89
CA LYS A 441 12.91 -8.74 18.53
C LYS A 441 12.06 -7.74 17.77
N GLN A 442 11.07 -7.15 18.44
CA GLN A 442 10.22 -6.16 17.78
C GLN A 442 10.95 -4.86 17.49
N ALA A 443 11.84 -4.45 18.40
CA ALA A 443 12.58 -3.21 18.23
C ALA A 443 13.40 -3.24 16.96
N LEU A 444 13.92 -4.41 16.62
CA LEU A 444 14.74 -4.60 15.43
C LEU A 444 13.94 -4.40 14.13
N THR A 445 12.62 -4.46 14.24
CA THR A 445 11.75 -4.30 13.08
C THR A 445 11.12 -2.93 13.04
N ILE A 446 10.74 -2.42 14.21
CA ILE A 446 9.98 -1.18 14.32
C ILE A 446 10.86 0.04 14.51
N VAL A 447 11.91 -0.09 15.33
CA VAL A 447 12.77 1.06 15.61
C VAL A 447 13.95 1.11 14.64
N GLY A 448 14.55 -0.05 14.39
CA GLY A 448 15.75 -0.16 13.55
C GLY A 448 15.50 0.20 12.09
N THR A 449 14.23 0.31 11.71
CA THR A 449 13.87 0.64 10.33
C THR A 449 13.57 2.13 10.14
N LEU A 450 13.26 2.83 11.23
CA LEU A 450 12.83 4.22 11.13
C LEU A 450 13.90 5.18 10.58
N PRO A 451 15.16 5.18 11.07
CA PRO A 451 16.24 6.01 10.56
C PRO A 451 16.59 5.70 9.10
N PHE A 452 16.34 4.48 8.66
CA PHE A 452 16.58 4.14 7.25
C PHE A 452 15.53 4.80 6.37
N THR A 453 14.28 4.63 6.74
CA THR A 453 13.18 5.22 6.02
C THR A 453 13.30 6.73 5.98
N TYR A 454 13.66 7.30 7.13
CA TYR A 454 13.79 8.74 7.27
C TYR A 454 14.82 9.33 6.31
N MET A 455 16.02 8.77 6.28
CA MET A 455 17.08 9.38 5.48
C MET A 455 16.97 9.02 4.01
N LEU A 456 16.32 7.91 3.69
CA LEU A 456 16.13 7.57 2.29
C LEU A 456 15.21 8.57 1.63
N GLU A 457 14.10 8.87 2.29
CA GLU A 457 13.15 9.80 1.72
C GLU A 457 13.70 11.22 1.74
N LYS A 458 14.44 11.56 2.80
CA LYS A 458 15.03 12.88 2.91
C LYS A 458 16.02 13.13 1.78
N TRP A 459 16.84 12.14 1.46
CA TRP A 459 17.78 12.26 0.36
C TRP A 459 17.05 12.50 -0.95
N ARG A 460 16.02 11.71 -1.21
CA ARG A 460 15.28 11.84 -2.46
C ARG A 460 14.68 13.23 -2.59
N TRP A 461 14.13 13.74 -1.49
CA TRP A 461 13.53 15.07 -1.51
C TRP A 461 14.56 16.12 -1.94
N MET A 462 15.77 16.02 -1.42
CA MET A 462 16.83 16.97 -1.76
C MET A 462 17.26 16.84 -3.23
N VAL A 463 17.25 15.61 -3.73
CA VAL A 463 17.63 15.36 -5.12
C VAL A 463 16.64 15.97 -6.10
N PHE A 464 15.36 15.78 -5.82
CA PHE A 464 14.32 16.35 -6.68
C PHE A 464 14.28 17.85 -6.58
N LYS A 465 14.44 18.36 -5.35
CA LYS A 465 14.45 19.79 -5.09
C LYS A 465 15.59 20.49 -5.82
N GLY A 466 16.74 19.81 -5.90
CA GLY A 466 17.90 20.36 -6.58
C GLY A 466 18.97 20.87 -5.63
N GLU A 467 18.91 20.44 -4.37
CA GLU A 467 19.91 20.86 -3.39
C GLU A 467 21.22 20.11 -3.57
N ILE A 468 21.15 18.91 -4.11
CA ILE A 468 22.34 18.10 -4.34
C ILE A 468 22.61 17.94 -5.83
N PRO A 469 23.69 18.52 -6.36
CA PRO A 469 24.14 18.42 -7.74
C PRO A 469 24.38 16.97 -8.10
N LYS A 470 24.29 16.65 -9.38
CA LYS A 470 24.50 15.28 -9.83
C LYS A 470 25.84 14.74 -9.37
N GLU A 471 26.85 15.61 -9.37
CA GLU A 471 28.20 15.22 -9.01
C GLU A 471 28.36 14.91 -7.52
N GLU A 472 27.35 15.22 -6.72
CA GLU A 472 27.42 15.02 -5.29
C GLU A 472 26.40 14.00 -4.78
N TRP A 473 25.78 13.25 -5.70
CA TRP A 473 24.74 12.31 -5.29
C TRP A 473 25.27 11.26 -4.32
N MET A 474 26.35 10.58 -4.69
CA MET A 474 26.87 9.51 -3.85
C MET A 474 27.64 10.02 -2.64
N THR A 475 28.24 11.20 -2.75
CA THR A 475 28.98 11.71 -1.60
C THR A 475 28.04 12.13 -0.48
N LYS A 476 26.90 12.73 -0.84
CA LYS A 476 25.92 13.12 0.16
C LYS A 476 25.14 11.91 0.68
N TRP A 477 24.90 10.93 -0.18
CA TRP A 477 24.18 9.74 0.24
C TRP A 477 24.86 9.06 1.41
N TRP A 478 26.14 8.74 1.25
CA TRP A 478 26.86 8.06 2.33
C TRP A 478 27.22 8.99 3.47
N GLU A 479 27.41 10.27 3.18
CA GLU A 479 27.71 11.24 4.24
C GLU A 479 26.58 11.32 5.25
N MET A 480 25.35 11.46 4.77
CA MET A 480 24.22 11.60 5.68
C MET A 480 23.77 10.26 6.25
N LYS A 481 24.05 9.17 5.54
CA LYS A 481 23.67 7.86 6.04
C LYS A 481 24.50 7.50 7.27
N ARG A 482 25.79 7.83 7.22
CA ARG A 482 26.67 7.59 8.36
C ARG A 482 26.29 8.45 9.56
N LYS A 483 25.86 9.68 9.30
CA LYS A 483 25.45 10.61 10.34
C LYS A 483 24.11 10.23 10.98
N ILE A 484 23.13 9.84 10.16
CA ILE A 484 21.78 9.58 10.64
C ILE A 484 21.58 8.14 11.12
N VAL A 485 22.03 7.17 10.34
CA VAL A 485 21.76 5.77 10.63
C VAL A 485 22.88 5.16 11.45
N GLY A 486 24.11 5.53 11.15
CA GLY A 486 25.26 4.99 11.87
C GLY A 486 25.82 3.76 11.17
N VAL A 487 25.68 3.74 9.86
CA VAL A 487 26.15 2.65 9.01
C VAL A 487 27.14 3.14 7.97
N VAL A 488 28.23 2.38 7.78
CA VAL A 488 29.31 2.77 6.89
C VAL A 488 29.57 1.72 5.82
N GLU A 489 29.89 2.17 4.62
CA GLU A 489 30.20 1.30 3.49
C GLU A 489 31.50 0.53 3.74
N PRO A 490 31.59 -0.73 3.30
CA PRO A 490 32.77 -1.57 3.30
C PRO A 490 33.79 -1.19 2.24
N VAL A 491 33.31 -0.57 1.16
CA VAL A 491 34.17 -0.09 0.09
C VAL A 491 33.64 1.27 -0.37
N PRO A 492 34.51 2.17 -0.82
CA PRO A 492 34.19 3.49 -1.32
C PRO A 492 33.48 3.41 -2.65
N HIS A 493 32.59 4.37 -2.89
CA HIS A 493 31.85 4.43 -4.15
C HIS A 493 31.92 5.81 -4.77
N ASP A 494 32.22 5.86 -6.06
CA ASP A 494 32.27 7.09 -6.81
C ASP A 494 30.93 7.36 -7.46
N GLU A 495 30.90 8.27 -8.42
CA GLU A 495 29.63 8.74 -8.96
C GLU A 495 29.13 7.89 -10.14
N THR A 496 29.74 6.73 -10.38
CA THR A 496 29.19 5.86 -11.40
C THR A 496 28.16 4.92 -10.79
N TYR A 497 28.07 4.95 -9.46
CA TYR A 497 27.15 4.12 -8.72
C TYR A 497 25.88 4.87 -8.39
N CYS A 498 24.80 4.13 -8.12
CA CYS A 498 23.56 4.73 -7.66
C CYS A 498 22.88 3.83 -6.65
N ASP A 499 23.43 3.81 -5.44
CA ASP A 499 22.93 2.93 -4.39
C ASP A 499 21.43 3.05 -4.14
N PRO A 500 20.85 4.26 -4.01
CA PRO A 500 19.42 4.48 -3.82
C PRO A 500 18.68 4.37 -5.14
N ALA A 501 18.85 3.25 -5.81
CA ALA A 501 18.20 2.93 -7.06
C ALA A 501 18.12 1.42 -7.17
N SER A 502 18.94 0.76 -6.36
CA SER A 502 19.02 -0.70 -6.37
C SER A 502 18.03 -1.29 -5.37
N LEU A 503 17.14 -0.44 -4.87
CA LEU A 503 16.08 -0.82 -3.96
C LEU A 503 14.72 -0.71 -4.69
N PHE A 504 13.82 -1.62 -4.37
CA PHE A 504 12.56 -1.73 -5.11
C PHE A 504 11.79 -0.42 -5.25
N HIS A 505 11.58 0.28 -4.14
CA HIS A 505 10.72 1.46 -4.14
C HIS A 505 11.30 2.63 -4.89
N VAL A 506 12.62 2.74 -4.92
CA VAL A 506 13.24 3.85 -5.63
C VAL A 506 13.25 3.60 -7.13
N ALA A 507 13.54 2.36 -7.53
CA ALA A 507 13.59 1.99 -8.94
C ALA A 507 12.20 2.08 -9.58
N ASN A 508 11.16 1.75 -8.82
CA ASN A 508 9.82 1.68 -9.37
C ASN A 508 8.93 2.89 -9.05
N ASP A 509 9.54 4.00 -8.63
CA ASP A 509 8.80 5.24 -8.39
C ASP A 509 7.68 5.13 -7.34
N TYR A 510 8.03 4.67 -6.15
CA TYR A 510 7.09 4.67 -5.04
C TYR A 510 7.54 5.63 -3.94
N SER A 511 6.58 6.23 -3.24
CA SER A 511 6.88 7.04 -2.07
C SER A 511 7.24 6.17 -0.89
N PHE A 512 8.21 6.59 -0.09
CA PHE A 512 8.67 5.76 1.01
C PHE A 512 8.37 6.37 2.39
N ILE A 513 7.70 7.53 2.41
CA ILE A 513 7.41 8.20 3.67
C ILE A 513 6.27 7.53 4.40
N ARG A 514 5.46 6.81 3.65
CA ARG A 514 4.30 6.12 4.20
C ARG A 514 4.71 4.99 5.13
N TYR A 515 5.99 4.63 5.10
CA TYR A 515 6.50 3.57 5.97
C TYR A 515 7.07 4.15 7.25
N TYR A 516 7.02 5.48 7.36
CA TYR A 516 7.48 6.19 8.53
C TYR A 516 6.27 6.62 9.35
N THR A 517 5.34 7.31 8.69
CA THR A 517 4.21 7.88 9.41
C THR A 517 3.25 6.83 9.93
N ARG A 518 3.17 5.68 9.25
CA ARG A 518 2.26 4.63 9.68
C ARG A 518 2.75 3.99 10.96
N THR A 519 4.06 3.96 11.16
CA THR A 519 4.63 3.44 12.41
C THR A 519 4.26 4.34 13.58
N ILE A 520 4.26 5.64 13.33
CA ILE A 520 3.96 6.61 14.38
C ILE A 520 2.47 6.55 14.73
N PHE A 521 1.63 6.51 13.70
CA PHE A 521 0.18 6.45 13.89
C PHE A 521 -0.24 5.13 14.54
N GLU A 522 0.42 4.05 14.13
CA GLU A 522 0.09 2.73 14.64
C GLU A 522 0.04 2.68 16.15
N PHE A 523 0.99 3.33 16.80
CA PHE A 523 1.04 3.29 18.25
C PHE A 523 0.12 4.31 18.90
N GLN A 524 -0.21 5.38 18.17
CA GLN A 524 -1.21 6.31 18.68
C GLN A 524 -2.57 5.63 18.73
N PHE A 525 -2.84 4.81 17.70
CA PHE A 525 -4.08 4.05 17.63
C PHE A 525 -4.09 2.95 18.67
N HIS A 526 -2.94 2.28 18.83
CA HIS A 526 -2.81 1.20 19.79
C HIS A 526 -3.12 1.67 21.20
N GLU A 527 -2.49 2.76 21.62
CA GLU A 527 -2.70 3.27 22.97
C GLU A 527 -4.13 3.73 23.19
N ALA A 528 -4.72 4.38 22.19
CA ALA A 528 -6.10 4.86 22.31
C ALA A 528 -7.05 3.70 22.51
N LEU A 529 -6.85 2.63 21.74
CA LEU A 529 -7.68 1.46 21.83
C LEU A 529 -7.55 0.72 23.15
N CYS A 530 -6.31 0.64 23.63
CA CYS A 530 -6.02 -0.11 24.91
C CYS A 530 -6.52 0.72 26.07
N ARG A 531 -6.70 2.02 25.91
CA ARG A 531 -7.25 2.90 26.94
C ARG A 531 -8.80 2.79 27.03
N ILE A 532 -9.48 2.81 25.88
CA ILE A 532 -10.95 2.68 25.87
C ILE A 532 -11.35 1.30 26.39
N ALA A 533 -10.52 0.30 26.10
CA ALA A 533 -10.75 -1.07 26.54
C ALA A 533 -10.42 -1.25 28.03
N LYS A 534 -10.02 -0.16 28.69
CA LYS A 534 -9.74 -0.17 30.12
C LYS A 534 -8.67 -1.19 30.51
N HIS A 535 -7.57 -1.19 29.78
CA HIS A 535 -6.45 -2.04 30.14
C HIS A 535 -5.70 -1.48 31.34
N ASP A 536 -5.31 -2.37 32.25
CA ASP A 536 -4.54 -1.97 33.42
C ASP A 536 -3.25 -2.78 33.48
N GLY A 537 -2.16 -2.16 33.08
CA GLY A 537 -0.88 -2.85 32.99
C GLY A 537 -0.04 -2.28 31.86
N PRO A 538 1.06 -2.94 31.52
CA PRO A 538 2.01 -2.57 30.49
C PRO A 538 1.32 -2.48 29.13
N LEU A 539 1.75 -1.51 28.33
CA LEU A 539 1.12 -1.29 27.02
C LEU A 539 1.39 -2.42 26.04
N HIS A 540 2.47 -3.17 26.25
CA HIS A 540 2.84 -4.21 25.31
C HIS A 540 2.11 -5.53 25.57
N LYS A 541 1.29 -5.56 26.62
CA LYS A 541 0.53 -6.78 26.95
C LYS A 541 -0.99 -6.55 27.01
N CYS A 542 -1.49 -5.63 26.18
CA CYS A 542 -2.91 -5.30 26.15
C CYS A 542 -3.66 -6.16 25.13
N ASP A 543 -4.97 -6.23 25.26
CA ASP A 543 -5.80 -7.00 24.33
C ASP A 543 -7.19 -6.40 24.21
N ILE A 544 -7.54 -6.00 22.99
CA ILE A 544 -8.83 -5.36 22.75
C ILE A 544 -9.92 -6.37 22.34
N SER A 545 -9.62 -7.66 22.40
CA SER A 545 -10.65 -8.65 22.11
C SER A 545 -11.80 -8.52 23.10
N ASN A 546 -13.00 -8.80 22.60
CA ASN A 546 -14.30 -8.73 23.44
C ASN A 546 -14.55 -7.33 23.82
N SER A 547 -13.91 -6.30 23.37
CA SER A 547 -14.14 -4.92 23.73
C SER A 547 -14.84 -4.15 22.63
N THR A 548 -16.16 -4.05 22.73
CA THR A 548 -16.98 -3.41 21.70
C THR A 548 -16.93 -1.89 21.80
N ASP A 549 -16.53 -1.41 22.97
CA ASP A 549 -16.42 0.02 23.20
C ASP A 549 -15.25 0.60 22.42
N ALA A 550 -14.18 -0.17 22.28
CA ALA A 550 -13.03 0.26 21.51
C ALA A 550 -13.28 0.02 20.02
N GLY A 551 -13.95 -1.08 19.73
CA GLY A 551 -14.25 -1.46 18.36
C GLY A 551 -15.15 -0.47 17.64
N LYS A 552 -16.23 -0.04 18.29
CA LYS A 552 -17.16 0.89 17.64
C LYS A 552 -16.53 2.26 17.48
N LYS A 553 -15.63 2.63 18.40
CA LYS A 553 -14.93 3.90 18.31
C LYS A 553 -14.02 3.90 17.10
N LEU A 554 -13.40 2.75 16.84
CA LEU A 554 -12.56 2.60 15.66
C LEU A 554 -13.39 2.68 14.39
N HIS A 555 -14.52 1.98 14.37
CA HIS A 555 -15.38 1.95 13.19
C HIS A 555 -15.77 3.36 12.76
N GLN A 556 -16.05 4.22 13.72
CA GLN A 556 -16.41 5.60 13.42
C GLN A 556 -15.29 6.33 12.69
N MET A 557 -14.04 5.96 13.00
CA MET A 557 -12.88 6.61 12.39
C MET A 557 -12.63 6.07 11.00
N LEU A 558 -13.01 4.83 10.76
CA LEU A 558 -12.77 4.20 9.47
C LEU A 558 -13.80 4.62 8.43
N SER A 559 -15.05 4.74 8.84
CA SER A 559 -16.16 4.97 7.90
C SER A 559 -16.07 6.32 7.19
N VAL A 560 -15.26 7.23 7.71
CA VAL A 560 -15.12 8.58 7.15
C VAL A 560 -14.41 8.58 5.81
N GLY A 561 -13.56 7.59 5.56
CA GLY A 561 -12.80 7.55 4.31
C GLY A 561 -11.90 8.76 4.20
N LYS A 562 -11.99 9.45 3.06
CA LYS A 562 -11.19 10.64 2.81
C LYS A 562 -12.05 11.91 2.81
N SER A 563 -13.30 11.79 3.24
CA SER A 563 -14.21 12.92 3.20
C SER A 563 -13.84 14.02 4.19
N GLN A 564 -12.97 13.70 5.13
CA GLN A 564 -12.50 14.65 6.13
C GLN A 564 -10.98 14.61 6.25
N PRO A 565 -10.33 15.74 6.55
CA PRO A 565 -8.89 15.89 6.70
C PRO A 565 -8.38 15.02 7.84
N TRP A 566 -7.28 14.30 7.60
CA TRP A 566 -6.73 13.35 8.56
C TRP A 566 -6.49 13.95 9.93
N THR A 567 -6.29 15.25 9.99
CA THR A 567 -6.03 15.87 11.27
C THR A 567 -7.26 15.83 12.17
N SER A 568 -8.44 15.96 11.57
CA SER A 568 -9.67 15.97 12.36
C SER A 568 -10.14 14.55 12.60
N VAL A 569 -9.83 13.67 11.67
CA VAL A 569 -10.14 12.25 11.78
C VAL A 569 -9.35 11.64 12.93
N LEU A 570 -8.07 12.01 13.02
CA LEU A 570 -7.22 11.54 14.11
C LEU A 570 -7.69 12.12 15.44
N LYS A 571 -8.00 13.40 15.46
CA LYS A 571 -8.37 14.05 16.72
C LYS A 571 -9.54 13.37 17.40
N ASP A 572 -10.55 13.00 16.62
CA ASP A 572 -11.74 12.38 17.20
C ASP A 572 -11.49 10.95 17.69
N PHE A 573 -10.32 10.40 17.38
CA PHE A 573 -9.99 9.04 17.76
C PHE A 573 -8.87 8.97 18.81
N VAL A 574 -7.89 9.87 18.70
CA VAL A 574 -6.70 9.82 19.54
C VAL A 574 -6.60 11.05 20.46
N ASP A 575 -7.48 12.05 20.25
CA ASP A 575 -7.42 13.29 21.01
C ASP A 575 -6.10 14.06 20.89
N SER A 576 -5.66 14.26 19.66
CA SER A 576 -4.50 15.06 19.30
C SER A 576 -4.58 15.41 17.84
N LYS A 577 -3.58 16.05 17.28
CA LYS A 577 -3.61 16.40 15.87
C LYS A 577 -2.37 16.00 15.08
N ASP A 578 -1.23 16.50 15.52
CA ASP A 578 0.04 16.17 14.89
C ASP A 578 0.41 14.75 15.26
N MET A 579 1.20 14.10 14.41
CA MET A 579 1.66 12.76 14.73
C MET A 579 2.54 12.79 15.97
N ASP A 580 2.43 11.76 16.79
CA ASP A 580 3.09 11.75 18.09
C ASP A 580 3.78 10.42 18.38
N VAL A 581 5.07 10.49 18.65
CA VAL A 581 5.88 9.31 18.91
C VAL A 581 5.80 8.88 20.38
N GLY A 582 5.23 9.74 21.22
CA GLY A 582 5.12 9.44 22.64
C GLY A 582 4.78 7.97 22.90
N PRO A 583 3.65 7.48 22.36
CA PRO A 583 3.14 6.12 22.46
C PRO A 583 4.15 5.05 22.04
N LEU A 584 5.04 5.38 21.10
CA LEU A 584 6.05 4.43 20.64
C LEU A 584 7.13 4.27 21.69
N LEU A 585 7.54 5.40 22.26
CA LEU A 585 8.58 5.41 23.28
C LEU A 585 8.09 4.75 24.56
N ARG A 586 6.80 4.91 24.86
CA ARG A 586 6.19 4.27 26.02
C ARG A 586 6.05 2.77 25.82
N TYR A 587 5.65 2.35 24.62
CA TYR A 587 5.52 0.94 24.31
C TYR A 587 6.83 0.21 24.57
N PHE A 588 7.93 0.80 24.11
CA PHE A 588 9.24 0.20 24.27
C PHE A 588 9.98 0.74 25.49
N GLU A 589 9.26 1.38 26.41
CA GLU A 589 9.94 1.92 27.57
C GLU A 589 10.72 0.86 28.35
N PRO A 590 10.13 -0.30 28.70
CA PRO A 590 10.78 -1.37 29.43
C PRO A 590 12.14 -1.66 28.82
N LEU A 591 12.12 -1.98 27.53
CA LEU A 591 13.32 -2.34 26.82
C LEU A 591 14.35 -1.24 26.96
N TYR A 592 13.91 -0.01 26.77
CA TYR A 592 14.82 1.13 26.87
C TYR A 592 15.53 1.14 28.22
N THR A 593 14.78 0.97 29.30
CA THR A 593 15.38 1.01 30.63
C THR A 593 16.25 -0.21 30.93
N TRP A 594 16.12 -1.25 30.10
CA TRP A 594 16.98 -2.43 30.23
C TRP A 594 18.28 -2.27 29.45
N LEU A 595 18.18 -1.80 28.21
CA LEU A 595 19.37 -1.60 27.40
C LEU A 595 20.28 -0.59 28.08
N LYS A 596 19.69 0.41 28.70
CA LYS A 596 20.43 1.47 29.38
C LYS A 596 21.37 0.91 30.45
N GLU A 597 20.95 -0.12 31.17
CA GLU A 597 21.77 -0.67 32.25
C GLU A 597 22.75 -1.74 31.74
N GLN A 598 22.66 -2.05 30.46
CA GLN A 598 23.57 -3.02 29.85
C GLN A 598 24.74 -2.25 29.25
N ASN A 599 24.43 -1.12 28.64
CA ASN A 599 25.44 -0.29 28.00
C ASN A 599 26.06 0.67 29.01
N ARG A 600 26.70 0.12 30.04
CA ARG A 600 27.32 0.93 31.08
C ARG A 600 28.83 0.96 30.95
N ASN A 601 29.39 -0.07 30.32
CA ASN A 601 30.83 -0.13 30.12
C ASN A 601 31.18 0.12 28.65
N SER A 602 30.15 0.22 27.82
CA SER A 602 30.33 0.45 26.40
C SER A 602 30.09 1.89 26.01
N PHE A 603 30.49 2.23 24.80
CA PHE A 603 30.25 3.56 24.24
C PHE A 603 28.91 3.56 23.53
N VAL A 604 28.10 4.57 23.80
CA VAL A 604 26.81 4.69 23.14
C VAL A 604 26.84 5.84 22.15
N GLY A 605 26.49 5.55 20.90
CA GLY A 605 26.61 6.53 19.84
C GLY A 605 27.75 6.14 18.92
N TRP A 606 28.07 7.01 17.97
CA TRP A 606 29.12 6.70 17.00
C TRP A 606 29.78 7.96 16.46
N ASN A 607 30.99 7.78 15.93
CA ASN A 607 31.74 8.87 15.31
C ASN A 607 31.88 8.64 13.81
N THR A 608 31.45 9.61 13.02
CA THR A 608 31.48 9.47 11.57
C THR A 608 32.84 9.79 10.96
N ASP A 609 33.86 9.05 11.36
CA ASP A 609 35.21 9.25 10.83
C ASP A 609 36.00 7.95 10.76
N TRP A 610 35.33 6.84 11.05
CA TRP A 610 35.95 5.53 10.96
C TRP A 610 35.38 4.75 9.78
N SER A 611 36.24 4.05 9.05
CA SER A 611 35.76 3.18 7.99
C SER A 611 36.59 1.90 7.97
N PRO A 612 36.01 0.77 7.56
CA PRO A 612 36.63 -0.54 7.44
C PRO A 612 37.90 -0.56 6.59
N TYR A 613 38.05 0.44 5.73
CA TYR A 613 39.20 0.51 4.83
C TYR A 613 40.12 1.71 5.09
N ALA A 614 39.86 2.44 6.17
CA ALA A 614 40.60 3.67 6.45
C ALA A 614 41.90 3.40 7.18
N ASP A 615 42.09 2.18 7.67
CA ASP A 615 43.27 1.85 8.47
C ASP A 615 44.51 1.74 7.63
N GLN A 616 44.34 1.21 6.42
CA GLN A 616 45.46 0.98 5.53
C GLN A 616 45.26 1.62 4.17
N SER A 617 45.59 2.91 4.08
CA SER A 617 45.42 3.65 2.84
C SER A 617 46.48 4.75 2.75
N ILE A 618 46.75 5.21 1.53
CA ILE A 618 47.75 6.25 1.33
C ILE A 618 47.12 7.59 1.01
N LYS A 619 47.54 8.62 1.74
CA LYS A 619 47.02 9.95 1.51
C LYS A 619 47.83 10.66 0.44
N VAL A 620 47.12 11.25 -0.52
CA VAL A 620 47.73 11.96 -1.62
C VAL A 620 47.33 13.43 -1.61
N ARG A 621 48.31 14.33 -1.70
CA ARG A 621 48.06 15.77 -1.73
C ARG A 621 49.03 16.44 -2.69
N TRP A 635 41.67 18.73 -12.54
CA TRP A 635 41.70 17.39 -11.97
C TRP A 635 40.33 16.71 -12.07
N ASN A 636 39.91 16.43 -13.31
CA ASN A 636 38.65 15.76 -13.61
C ASN A 636 38.82 14.24 -13.63
N ASN A 637 37.76 13.54 -14.03
CA ASN A 637 37.74 12.09 -13.97
C ASN A 637 38.79 11.45 -14.88
N ASN A 638 39.24 12.19 -15.88
CA ASN A 638 40.23 11.66 -16.82
C ASN A 638 41.62 11.68 -16.20
N GLU A 639 41.83 12.57 -15.24
CA GLU A 639 43.12 12.67 -14.57
C GLU A 639 43.21 11.62 -13.49
N MET A 640 42.07 11.33 -12.86
CA MET A 640 42.01 10.30 -11.84
C MET A 640 42.21 8.93 -12.45
N TYR A 641 41.69 8.74 -13.67
CA TYR A 641 41.89 7.48 -14.39
C TYR A 641 43.37 7.21 -14.59
N LEU A 642 44.09 8.22 -15.08
CA LEU A 642 45.51 8.08 -15.31
C LEU A 642 46.25 7.78 -14.03
N PHE A 643 45.87 8.47 -12.95
CA PHE A 643 46.50 8.23 -11.66
C PHE A 643 46.36 6.77 -11.24
N ARG A 644 45.13 6.25 -11.29
CA ARG A 644 44.88 4.89 -10.86
C ARG A 644 45.65 3.88 -11.71
N SER A 645 45.72 4.15 -13.02
CA SER A 645 46.47 3.30 -13.94
C SER A 645 47.94 3.26 -13.54
N SER A 646 48.46 4.44 -13.19
CA SER A 646 49.85 4.60 -12.79
C SER A 646 50.16 3.80 -11.53
N VAL A 647 49.23 3.80 -10.59
CA VAL A 647 49.40 3.01 -9.38
C VAL A 647 49.45 1.53 -9.70
N ALA A 648 48.54 1.06 -10.55
CA ALA A 648 48.52 -0.34 -10.94
C ALA A 648 49.85 -0.71 -11.61
N TYR A 649 50.38 0.22 -12.42
CA TYR A 649 51.68 0.04 -13.06
C TYR A 649 52.80 -0.16 -12.05
N ALA A 650 52.88 0.73 -11.07
CA ALA A 650 53.92 0.66 -10.06
C ALA A 650 53.84 -0.66 -9.30
N MET A 651 52.63 -1.11 -9.05
CA MET A 651 52.39 -2.37 -8.36
C MET A 651 52.92 -3.55 -9.16
N ARG A 652 52.61 -3.57 -10.45
CA ARG A 652 53.03 -4.69 -11.29
C ARG A 652 54.54 -4.86 -11.26
N GLU A 653 55.27 -3.76 -11.42
CA GLU A 653 56.72 -3.84 -11.46
C GLU A 653 57.32 -4.13 -10.09
N TYR A 654 56.76 -3.54 -9.04
CA TYR A 654 57.28 -3.75 -7.70
C TYR A 654 57.28 -5.23 -7.34
N PHE A 655 56.14 -5.87 -7.55
CA PHE A 655 56.00 -7.29 -7.20
C PHE A 655 56.88 -8.19 -8.05
N LEU A 656 56.97 -7.89 -9.35
CA LEU A 656 57.77 -8.70 -10.25
C LEU A 656 59.27 -8.57 -9.97
N LYS A 657 59.71 -7.35 -9.65
CA LYS A 657 61.13 -7.10 -9.40
C LYS A 657 61.57 -7.50 -7.99
N THR A 658 60.66 -7.38 -7.02
CA THR A 658 61.02 -7.65 -5.62
C THR A 658 60.80 -9.10 -5.21
N LYS A 659 59.64 -9.66 -5.55
CA LYS A 659 59.28 -11.00 -5.10
C LYS A 659 59.22 -12.00 -6.24
N ASN A 660 59.58 -11.54 -7.44
CA ASN A 660 59.52 -12.37 -8.64
C ASN A 660 58.11 -12.93 -8.86
N GLN A 661 57.11 -12.10 -8.59
CA GLN A 661 55.73 -12.51 -8.77
C GLN A 661 55.06 -11.75 -9.89
N THR A 662 54.30 -12.46 -10.73
CA THR A 662 53.57 -11.80 -11.80
C THR A 662 52.10 -11.63 -11.42
N ILE A 663 51.71 -10.41 -11.10
CA ILE A 663 50.34 -10.10 -10.72
C ILE A 663 49.82 -8.96 -11.59
N LEU A 664 48.70 -9.17 -12.25
CA LEU A 664 48.19 -8.17 -13.17
C LEU A 664 47.16 -7.26 -12.52
N PHE A 665 47.65 -6.19 -11.89
CA PHE A 665 46.77 -5.19 -11.30
C PHE A 665 46.27 -4.26 -12.39
N GLY A 666 45.00 -3.90 -12.32
CA GLY A 666 44.42 -2.97 -13.29
C GLY A 666 43.96 -1.68 -12.62
N GLU A 667 43.40 -0.77 -13.40
CA GLU A 667 42.90 0.49 -12.89
C GLU A 667 41.73 0.29 -11.95
N GLU A 668 40.94 -0.75 -12.20
CA GLU A 668 39.77 -1.08 -11.41
C GLU A 668 40.14 -1.60 -10.03
N ASP A 669 41.42 -1.88 -9.83
CA ASP A 669 41.90 -2.44 -8.57
C ASP A 669 42.40 -1.36 -7.61
N VAL A 670 42.38 -0.11 -8.06
CA VAL A 670 42.82 0.99 -7.21
C VAL A 670 41.62 1.80 -6.78
N TRP A 671 41.35 1.80 -5.49
CA TRP A 671 40.16 2.43 -4.98
C TRP A 671 40.50 3.80 -4.42
N VAL A 672 39.63 4.78 -4.69
CA VAL A 672 39.85 6.13 -4.20
C VAL A 672 38.82 6.57 -3.17
N SER A 673 39.32 7.05 -2.04
CA SER A 673 38.48 7.52 -0.94
C SER A 673 38.62 8.97 -0.59
N ASN A 674 37.57 9.54 -0.01
CA ASN A 674 37.65 10.90 0.51
C ASN A 674 38.17 11.97 -0.44
N LEU A 675 37.66 11.93 -1.66
CA LEU A 675 38.10 12.85 -2.70
C LEU A 675 37.69 14.27 -2.40
N LYS A 676 38.68 15.13 -2.30
CA LYS A 676 38.50 16.56 -2.11
C LYS A 676 39.11 17.25 -3.32
N PRO A 677 38.32 17.43 -4.39
CA PRO A 677 38.73 17.67 -5.76
C PRO A 677 39.87 18.66 -5.85
N ARG A 678 40.88 18.29 -6.64
CA ARG A 678 42.08 19.10 -6.89
C ARG A 678 43.10 19.06 -5.74
N ILE A 679 42.63 18.91 -4.51
CA ILE A 679 43.50 19.10 -3.35
C ILE A 679 44.06 17.78 -2.81
N SER A 680 43.17 16.84 -2.47
CA SER A 680 43.64 15.61 -1.82
C SER A 680 42.67 14.44 -1.90
N PHE A 681 43.19 13.23 -1.67
CA PHE A 681 42.38 12.03 -1.56
C PHE A 681 43.16 10.89 -0.91
N ASN A 682 42.45 9.83 -0.53
CA ASN A 682 43.11 8.62 -0.04
C ASN A 682 42.90 7.49 -1.03
N PHE A 683 43.85 6.55 -1.09
CA PHE A 683 43.63 5.39 -1.95
C PHE A 683 44.22 4.11 -1.38
N TYR A 684 43.72 2.99 -1.84
CA TYR A 684 44.30 1.69 -1.49
C TYR A 684 44.13 0.73 -2.64
N VAL A 685 44.92 -0.32 -2.65
CA VAL A 685 44.87 -1.25 -3.75
C VAL A 685 44.59 -2.65 -3.26
N THR A 686 43.74 -3.35 -4.00
CA THR A 686 43.41 -4.73 -3.68
C THR A 686 44.05 -5.70 -4.67
N SER A 687 44.13 -6.99 -4.30
CA SER A 687 44.56 -8.01 -5.26
C SER A 687 43.57 -8.00 -6.43
N PRO A 688 43.99 -8.39 -7.65
CA PRO A 688 43.17 -8.35 -8.85
C PRO A 688 41.84 -9.08 -8.62
N ARG A 689 40.75 -8.34 -8.87
CA ARG A 689 39.34 -8.77 -8.73
C ARG A 689 38.99 -9.29 -7.34
N ASN A 690 39.86 -9.15 -6.32
CA ASN A 690 39.56 -9.64 -4.99
C ASN A 690 39.30 -8.46 -4.03
N LEU A 691 38.04 -8.30 -3.65
CA LEU A 691 37.52 -7.20 -2.84
C LEU A 691 38.01 -7.23 -1.41
N SER A 692 38.11 -8.44 -0.88
CA SER A 692 38.43 -8.61 0.52
C SER A 692 39.92 -8.50 0.81
N ASP A 693 40.74 -8.78 -0.19
CA ASP A 693 42.18 -8.87 0.02
C ASP A 693 42.89 -7.55 -0.29
N ILE A 694 43.18 -6.79 0.75
CA ILE A 694 43.82 -5.49 0.62
C ILE A 694 45.33 -5.61 0.80
N ILE A 695 46.08 -5.05 -0.13
CA ILE A 695 47.53 -5.10 -0.05
C ILE A 695 48.01 -4.32 1.18
N PRO A 696 48.79 -4.92 2.07
CA PRO A 696 49.29 -4.32 3.28
C PRO A 696 49.88 -2.95 2.98
N ARG A 697 49.53 -1.97 3.81
CA ARG A 697 49.98 -0.60 3.56
C ARG A 697 51.48 -0.48 3.24
N PRO A 698 52.39 -1.13 4.00
CA PRO A 698 53.83 -1.06 3.83
C PRO A 698 54.30 -1.64 2.49
N GLU A 699 53.46 -2.48 1.88
CA GLU A 699 53.82 -3.12 0.63
C GLU A 699 53.44 -2.24 -0.56
N VAL A 700 52.24 -1.67 -0.50
CA VAL A 700 51.82 -0.74 -1.55
C VAL A 700 52.61 0.55 -1.48
N GLU A 701 52.92 1.01 -0.27
CA GLU A 701 53.76 2.19 -0.10
C GLU A 701 55.11 1.96 -0.77
N GLY A 702 55.60 0.73 -0.63
CA GLY A 702 56.86 0.33 -1.23
C GLY A 702 56.80 0.49 -2.75
N ALA A 703 55.72 -0.02 -3.36
CA ALA A 703 55.55 0.08 -4.80
C ALA A 703 55.52 1.53 -5.28
N ILE A 704 54.88 2.40 -4.50
CA ILE A 704 54.79 3.80 -4.86
C ILE A 704 56.16 4.47 -4.78
N ARG A 705 56.88 4.19 -3.70
CA ARG A 705 58.22 4.74 -3.50
C ARG A 705 59.19 4.23 -4.56
N MET A 706 59.06 2.95 -4.91
CA MET A 706 59.92 2.34 -5.91
C MET A 706 59.75 3.02 -7.27
N SER A 707 58.50 3.32 -7.64
CA SER A 707 58.17 3.99 -8.88
C SER A 707 56.97 4.91 -8.69
N CYS B 37 -56.42 -15.13 -14.51
CA CYS B 37 -55.51 -14.26 -15.25
C CYS B 37 -54.09 -14.71 -15.13
N PRO B 38 -53.25 -14.64 -16.21
CA PRO B 38 -51.91 -15.20 -16.38
C PRO B 38 -50.87 -14.51 -15.51
N PHE B 39 -50.94 -14.75 -14.20
CA PHE B 39 -49.92 -14.22 -13.30
C PHE B 39 -48.57 -14.87 -13.63
N GLY B 40 -48.65 -16.06 -14.22
CA GLY B 40 -47.45 -16.80 -14.59
C GLY B 40 -46.65 -16.09 -15.69
N GLN B 41 -47.27 -15.14 -16.38
CA GLN B 41 -46.58 -14.40 -17.43
C GLN B 41 -45.93 -13.13 -16.88
N VAL B 42 -46.09 -12.92 -15.57
CA VAL B 42 -45.49 -11.77 -14.92
C VAL B 42 -44.45 -12.22 -13.89
N PHE B 43 -44.85 -13.11 -13.00
CA PHE B 43 -43.95 -13.60 -11.95
C PHE B 43 -42.99 -14.69 -12.43
N ASN B 44 -43.42 -15.50 -13.40
CA ASN B 44 -42.64 -16.59 -13.96
C ASN B 44 -42.12 -16.27 -15.38
N ALA B 45 -42.03 -14.96 -15.70
CA ALA B 45 -41.58 -14.52 -17.01
C ALA B 45 -40.10 -14.80 -17.20
N SER B 46 -39.73 -15.09 -18.44
CA SER B 46 -38.34 -15.43 -18.75
C SER B 46 -37.43 -14.20 -18.73
N LYS B 47 -38.01 -13.04 -19.04
CA LYS B 47 -37.26 -11.78 -19.04
C LYS B 47 -38.09 -10.64 -18.46
N PHE B 48 -37.42 -9.75 -17.72
CA PHE B 48 -38.01 -8.48 -17.30
C PHE B 48 -37.33 -7.33 -18.05
N PRO B 49 -38.02 -6.20 -18.23
CA PRO B 49 -37.54 -4.97 -18.82
C PRO B 49 -36.63 -4.19 -17.87
N SER B 50 -35.91 -3.22 -18.43
CA SER B 50 -35.18 -2.24 -17.64
C SER B 50 -36.12 -1.32 -16.87
N VAL B 51 -35.62 -0.75 -15.78
CA VAL B 51 -36.40 0.16 -14.95
C VAL B 51 -36.81 1.41 -15.70
N TYR B 52 -35.98 1.87 -16.64
CA TYR B 52 -36.31 3.07 -17.42
C TYR B 52 -37.45 2.81 -18.41
N ALA B 53 -37.70 1.54 -18.72
CA ALA B 53 -38.71 1.19 -19.71
C ALA B 53 -39.56 0.03 -19.20
N TRP B 54 -40.22 0.26 -18.07
CA TRP B 54 -41.00 -0.78 -17.41
C TRP B 54 -42.24 -1.14 -18.21
N GLU B 55 -42.68 -2.39 -18.08
CA GLU B 55 -43.85 -2.87 -18.80
C GLU B 55 -45.06 -3.01 -17.88
N ARG B 56 -46.26 -2.87 -18.46
CA ARG B 56 -47.50 -2.96 -17.64
C ARG B 56 -48.57 -3.82 -18.31
N LEU B 57 -49.06 -4.85 -17.62
CA LEU B 57 -50.15 -5.70 -18.08
C LEU B 57 -51.38 -5.50 -17.19
N ARG B 58 -52.57 -5.60 -17.80
CA ARG B 58 -53.81 -5.39 -17.04
C ARG B 58 -54.46 -6.71 -16.60
N ILE B 59 -54.84 -6.76 -15.34
CA ILE B 59 -55.57 -7.89 -14.77
C ILE B 59 -57.04 -7.52 -14.63
N CYS B 62 -61.40 -11.88 -14.18
CA CYS B 62 -60.81 -13.16 -13.84
C CYS B 62 -60.86 -13.41 -12.34
N VAL B 63 -60.50 -14.63 -11.93
CA VAL B 63 -60.48 -14.96 -10.52
C VAL B 63 -59.22 -14.41 -9.84
N ALA B 64 -59.43 -13.66 -8.76
CA ALA B 64 -58.32 -13.02 -8.05
C ALA B 64 -57.62 -13.97 -7.09
N ASP B 65 -56.80 -14.87 -7.64
CA ASP B 65 -56.08 -15.84 -6.81
C ASP B 65 -54.94 -15.19 -6.06
N TYR B 66 -54.55 -15.80 -4.94
CA TYR B 66 -53.42 -15.30 -4.14
C TYR B 66 -52.44 -16.41 -3.75
N SER B 67 -52.57 -17.59 -4.35
CA SER B 67 -51.70 -18.74 -4.04
C SER B 67 -50.23 -18.51 -4.36
N VAL B 68 -49.92 -17.48 -5.14
CA VAL B 68 -48.53 -17.20 -5.48
C VAL B 68 -47.98 -16.01 -4.73
N LEU B 69 -48.80 -15.41 -3.87
CA LEU B 69 -48.37 -14.22 -3.15
C LEU B 69 -48.26 -14.43 -1.64
N TYR B 70 -49.25 -15.09 -1.06
CA TYR B 70 -49.29 -15.17 0.40
C TYR B 70 -49.07 -16.59 1.00
N ASN B 71 -48.78 -17.61 0.16
CA ASN B 71 -48.54 -18.99 0.57
C ASN B 71 -47.02 -19.36 0.57
N SER B 72 -46.24 -18.49 -0.05
CA SER B 72 -44.81 -18.69 -0.24
C SER B 72 -44.19 -17.31 -0.18
N SER B 73 -43.78 -16.93 1.03
CA SER B 73 -43.32 -15.60 1.34
C SER B 73 -41.79 -15.53 1.72
N SER B 74 -41.25 -16.74 1.55
CA SER B 74 -39.86 -17.07 1.83
C SER B 74 -39.19 -16.79 0.49
N SER B 75 -39.99 -16.81 -0.58
CA SER B 75 -39.51 -16.56 -1.93
C SER B 75 -39.13 -15.09 -2.12
N PHE B 76 -39.93 -14.20 -1.55
CA PHE B 76 -39.69 -12.78 -1.72
C PHE B 76 -38.75 -12.25 -0.66
N SER B 77 -37.87 -11.35 -1.09
CA SER B 77 -36.91 -10.69 -0.21
C SER B 77 -37.51 -9.43 0.39
N THR B 78 -38.36 -8.79 -0.39
CA THR B 78 -39.08 -7.60 0.03
C THR B 78 -40.55 -7.75 -0.29
N PHE B 79 -41.40 -7.39 0.66
CA PHE B 79 -42.83 -7.48 0.44
C PHE B 79 -43.55 -6.52 1.37
N LYS B 80 -44.00 -5.42 0.80
CA LYS B 80 -44.67 -4.39 1.57
C LYS B 80 -45.95 -3.98 0.86
N CYS B 81 -47.02 -3.77 1.60
CA CYS B 81 -48.29 -3.32 1.09
C CYS B 81 -48.63 -1.93 1.63
N TYR B 82 -49.41 -1.19 0.85
CA TYR B 82 -49.78 0.14 1.27
C TYR B 82 -51.28 0.35 1.14
N GLY B 83 -51.92 0.70 2.25
CA GLY B 83 -53.36 1.00 2.27
C GLY B 83 -54.22 -0.27 2.34
N VAL B 84 -53.58 -1.43 2.27
CA VAL B 84 -54.28 -2.72 2.29
C VAL B 84 -53.44 -3.76 3.02
N SER B 85 -54.11 -4.67 3.72
CA SER B 85 -53.45 -5.78 4.41
C SER B 85 -53.63 -7.11 3.66
N PRO B 86 -52.66 -8.03 3.79
CA PRO B 86 -52.66 -9.41 3.34
C PRO B 86 -53.89 -10.20 3.73
N THR B 87 -54.59 -9.76 4.77
CA THR B 87 -55.79 -10.46 5.20
C THR B 87 -57.06 -9.77 4.70
N LYS B 88 -56.89 -8.68 3.95
CA LYS B 88 -58.02 -7.93 3.39
C LYS B 88 -58.10 -8.08 1.87
N LEU B 89 -56.95 -8.20 1.21
CA LEU B 89 -56.93 -8.24 -0.27
C LEU B 89 -57.71 -9.42 -0.79
N ASN B 90 -57.71 -10.49 -0.01
CA ASN B 90 -58.39 -11.72 -0.37
C ASN B 90 -59.90 -11.52 -0.52
N ASP B 91 -60.46 -10.61 0.28
CA ASP B 91 -61.90 -10.39 0.28
C ASP B 91 -62.32 -9.23 -0.62
N SER B 96 -59.82 -2.93 -11.53
CA SER B 96 -58.65 -3.26 -12.33
C SER B 96 -57.36 -3.24 -11.50
N VAL B 97 -56.56 -4.29 -11.65
CA VAL B 97 -55.33 -4.41 -10.90
C VAL B 97 -54.34 -4.57 -12.05
N TYR B 98 -53.40 -3.65 -12.18
CA TYR B 98 -52.47 -3.71 -13.31
C TYR B 98 -51.15 -3.96 -12.59
N ALA B 99 -50.28 -4.72 -13.26
CA ALA B 99 -48.99 -5.08 -12.69
C ALA B 99 -47.83 -4.49 -13.47
N ASP B 100 -47.04 -3.67 -12.81
CA ASP B 100 -45.87 -3.04 -13.41
C ASP B 100 -44.62 -3.81 -13.00
N TYR B 101 -43.79 -4.19 -13.97
CA TYR B 101 -42.62 -4.99 -13.62
C TYR B 101 -41.34 -4.54 -14.31
N PHE B 102 -40.21 -4.73 -13.63
CA PHE B 102 -38.90 -4.30 -14.11
C PHE B 102 -37.74 -4.84 -13.26
N VAL B 103 -36.50 -4.70 -13.78
CA VAL B 103 -35.30 -5.04 -13.02
C VAL B 103 -34.60 -3.81 -12.45
N VAL B 104 -34.38 -3.82 -11.15
CA VAL B 104 -33.68 -2.75 -10.44
C VAL B 104 -32.69 -3.35 -9.46
N LYS B 105 -31.57 -2.67 -9.19
CA LYS B 105 -30.60 -3.21 -8.22
C LYS B 105 -31.15 -3.16 -6.81
N GLY B 106 -30.69 -4.08 -5.96
CA GLY B 106 -31.17 -4.22 -4.59
C GLY B 106 -31.29 -2.90 -3.82
N ASP B 107 -30.23 -2.11 -3.81
CA ASP B 107 -30.24 -0.87 -3.03
C ASP B 107 -31.33 0.11 -3.47
N ASP B 108 -31.74 0.03 -4.75
CA ASP B 108 -32.74 0.94 -5.27
C ASP B 108 -34.16 0.41 -5.11
N VAL B 109 -34.29 -0.78 -4.54
CA VAL B 109 -35.61 -1.37 -4.32
C VAL B 109 -36.41 -0.54 -3.33
N ARG B 110 -35.71 0.06 -2.37
CA ARG B 110 -36.34 0.88 -1.35
C ARG B 110 -37.01 2.13 -1.94
N GLN B 111 -36.66 2.48 -3.17
CA GLN B 111 -37.25 3.65 -3.81
C GLN B 111 -38.61 3.33 -4.43
N ILE B 112 -38.94 2.05 -4.52
CA ILE B 112 -40.21 1.67 -5.11
C ILE B 112 -41.28 1.70 -4.04
N ALA B 113 -41.73 2.90 -3.71
CA ALA B 113 -42.71 3.13 -2.67
C ALA B 113 -43.30 4.53 -2.85
N PRO B 114 -44.45 4.83 -2.24
CA PRO B 114 -45.09 6.13 -2.20
C PRO B 114 -44.22 7.17 -1.50
N ALA B 115 -44.31 8.41 -1.97
CA ALA B 115 -43.62 9.55 -1.35
C ALA B 115 -42.11 9.33 -1.22
N GLN B 116 -41.49 8.80 -2.27
CA GLN B 116 -40.04 8.60 -2.24
C GLN B 116 -39.32 9.56 -3.17
N THR B 117 -38.03 9.77 -2.90
CA THR B 117 -37.16 10.54 -3.78
C THR B 117 -35.94 9.72 -4.17
N GLY B 118 -35.24 10.13 -5.21
CA GLY B 118 -34.05 9.40 -5.65
C GLY B 118 -34.03 9.25 -7.15
N VAL B 119 -32.97 8.66 -7.68
CA VAL B 119 -32.82 8.55 -9.13
C VAL B 119 -33.96 7.79 -9.76
N ILE B 120 -34.39 6.70 -9.13
CA ILE B 120 -35.45 5.89 -9.69
C ILE B 120 -36.80 6.54 -9.42
N ALA B 121 -37.01 6.94 -8.18
CA ALA B 121 -38.28 7.55 -7.79
C ALA B 121 -38.60 8.81 -8.60
N ASP B 122 -37.56 9.57 -8.95
CA ASP B 122 -37.77 10.84 -9.64
C ASP B 122 -37.73 10.75 -11.18
N TYR B 123 -36.96 9.82 -11.74
CA TYR B 123 -36.81 9.81 -13.20
C TYR B 123 -37.26 8.54 -13.92
N ASN B 124 -37.44 7.43 -13.19
CA ASN B 124 -37.71 6.17 -13.86
C ASN B 124 -39.10 5.62 -13.56
N TYR B 125 -39.45 5.55 -12.28
CA TYR B 125 -40.71 4.94 -11.88
C TYR B 125 -41.25 5.58 -10.62
N LYS B 126 -42.33 6.33 -10.76
CA LYS B 126 -42.87 7.06 -9.62
C LYS B 126 -44.26 6.58 -9.24
N LEU B 127 -44.49 6.45 -7.94
CA LEU B 127 -45.80 6.13 -7.40
C LEU B 127 -46.34 7.37 -6.67
N PRO B 128 -47.66 7.59 -6.70
CA PRO B 128 -48.36 8.69 -6.07
C PRO B 128 -48.34 8.53 -4.57
N ASP B 129 -48.43 9.64 -3.83
CA ASP B 129 -48.49 9.55 -2.38
C ASP B 129 -49.73 8.76 -1.97
N ASP B 130 -50.83 9.01 -2.66
CA ASP B 130 -52.07 8.28 -2.40
C ASP B 130 -52.08 6.99 -3.22
N PHE B 131 -51.27 6.04 -2.79
CA PHE B 131 -51.13 4.79 -3.52
C PHE B 131 -51.73 3.62 -2.74
N THR B 132 -52.46 2.77 -3.45
CA THR B 132 -52.98 1.54 -2.88
C THR B 132 -52.56 0.34 -3.70
N GLY B 133 -51.96 -0.63 -3.03
CA GLY B 133 -51.44 -1.82 -3.70
C GLY B 133 -50.21 -2.35 -3.00
N CYS B 134 -49.56 -3.37 -3.59
CA CYS B 134 -48.42 -4.05 -2.99
C CYS B 134 -47.20 -4.07 -3.90
N VAL B 135 -46.03 -4.04 -3.28
CA VAL B 135 -44.76 -4.13 -4.00
C VAL B 135 -44.01 -5.38 -3.60
N LEU B 136 -43.69 -6.21 -4.57
CA LEU B 136 -42.98 -7.46 -4.31
C LEU B 136 -41.67 -7.52 -5.07
N ALA B 137 -40.62 -8.02 -4.43
CA ALA B 137 -39.34 -8.15 -5.12
C ALA B 137 -38.56 -9.38 -4.67
N TRP B 138 -37.78 -9.95 -5.58
CA TRP B 138 -36.95 -11.09 -5.25
C TRP B 138 -35.60 -11.05 -5.97
N ASN B 139 -34.62 -11.74 -5.38
CA ASN B 139 -33.25 -11.73 -5.87
C ASN B 139 -33.03 -12.70 -7.00
N THR B 140 -32.60 -12.19 -8.15
CA THR B 140 -32.45 -12.98 -9.36
C THR B 140 -31.04 -12.90 -9.91
N ASN B 141 -30.07 -12.81 -9.03
CA ASN B 141 -28.66 -12.75 -9.41
C ASN B 141 -28.27 -13.90 -10.33
N SER B 142 -28.83 -15.07 -10.08
CA SER B 142 -28.46 -16.28 -10.84
C SER B 142 -29.03 -16.30 -12.26
N VAL B 143 -29.95 -15.39 -12.55
CA VAL B 143 -30.63 -15.35 -13.84
C VAL B 143 -30.23 -14.15 -14.70
N ASP B 144 -30.19 -12.97 -14.07
CA ASP B 144 -29.99 -11.72 -14.79
C ASP B 144 -28.54 -11.26 -14.87
N SER B 145 -27.71 -11.68 -13.91
CA SER B 145 -26.33 -11.24 -13.92
C SER B 145 -25.45 -12.17 -14.74
N LYS B 146 -25.55 -12.03 -16.05
CA LYS B 146 -24.80 -12.84 -17.00
C LYS B 146 -23.88 -11.94 -17.82
N GLN B 147 -23.40 -12.44 -18.96
CA GLN B 147 -22.43 -11.69 -19.75
C GLN B 147 -23.06 -10.67 -20.71
N GLY B 148 -24.20 -11.03 -21.30
CA GLY B 148 -24.82 -10.20 -22.34
C GLY B 148 -26.12 -9.54 -21.89
N ASN B 149 -26.38 -9.54 -20.59
CA ASN B 149 -27.63 -9.00 -20.07
C ASN B 149 -27.46 -7.58 -19.54
N ASN B 150 -27.86 -6.60 -20.33
CA ASN B 150 -27.65 -5.19 -19.99
C ASN B 150 -28.94 -4.47 -19.64
N PHE B 151 -29.02 -4.00 -18.39
CA PHE B 151 -30.19 -3.26 -17.92
C PHE B 151 -29.81 -1.81 -17.70
N TYR B 152 -30.74 -0.91 -17.99
CA TYR B 152 -30.48 0.52 -17.92
C TYR B 152 -31.44 1.28 -17.03
N TYR B 153 -30.95 2.39 -16.47
CA TYR B 153 -31.76 3.32 -15.71
C TYR B 153 -31.46 4.74 -16.15
N ARG B 154 -32.41 5.64 -15.96
CA ARG B 154 -32.22 7.03 -16.32
C ARG B 154 -31.65 7.84 -15.16
N LEU B 155 -30.59 8.58 -15.43
CA LEU B 155 -29.93 9.40 -14.42
C LEU B 155 -30.20 10.88 -14.63
N PHE B 156 -30.27 11.31 -15.89
CA PHE B 156 -30.45 12.73 -16.18
C PHE B 156 -31.72 13.00 -16.97
N ARG B 157 -32.45 14.03 -16.59
CA ARG B 157 -33.67 14.43 -17.29
C ARG B 157 -34.00 15.88 -16.98
N HIS B 158 -34.65 16.57 -17.93
CA HIS B 158 -35.08 17.94 -17.69
C HIS B 158 -36.40 17.99 -16.93
N GLY B 159 -36.33 17.63 -15.65
CA GLY B 159 -37.51 17.63 -14.80
C GLY B 159 -37.90 16.23 -14.34
N LYS B 160 -38.71 16.16 -13.29
CA LYS B 160 -39.13 14.89 -12.72
C LYS B 160 -40.30 14.33 -13.51
N ILE B 161 -40.52 13.03 -13.39
CA ILE B 161 -41.63 12.37 -14.07
C ILE B 161 -42.88 12.32 -13.21
N LYS B 162 -44.04 12.35 -13.84
CA LYS B 162 -45.31 12.20 -13.14
C LYS B 162 -45.52 10.72 -12.82
N PRO B 163 -46.36 10.41 -11.82
CA PRO B 163 -46.73 9.05 -11.43
C PRO B 163 -47.17 8.25 -12.64
N TYR B 164 -46.62 7.04 -12.74
CA TYR B 164 -46.91 6.10 -13.83
C TYR B 164 -46.52 6.62 -15.22
N GLU B 165 -45.65 7.62 -15.29
CA GLU B 165 -45.14 8.09 -16.57
C GLU B 165 -43.93 7.25 -16.99
N ARG B 166 -43.85 6.93 -18.28
CA ARG B 166 -42.78 6.10 -18.80
C ARG B 166 -42.01 6.78 -19.93
N ASP B 167 -40.81 7.27 -19.61
CA ASP B 167 -39.98 7.98 -20.58
C ASP B 167 -38.89 7.08 -21.16
N ILE B 168 -38.99 6.77 -22.44
CA ILE B 168 -38.06 5.86 -23.08
C ILE B 168 -37.26 6.51 -24.21
N SER B 169 -37.17 7.83 -24.19
CA SER B 169 -36.38 8.55 -25.18
C SER B 169 -34.89 8.42 -24.87
N ASN B 170 -34.06 8.75 -25.85
CA ASN B 170 -32.61 8.65 -25.64
C ASN B 170 -31.85 9.71 -26.44
N VAL B 171 -31.67 10.87 -25.85
CA VAL B 171 -30.95 11.97 -26.46
C VAL B 171 -29.90 12.49 -25.49
N LEU B 172 -28.93 13.26 -25.98
CA LEU B 172 -27.92 13.81 -25.09
C LEU B 172 -28.50 14.91 -24.21
N TYR B 173 -28.10 14.89 -22.94
CA TYR B 173 -28.57 15.83 -21.94
C TYR B 173 -27.58 16.96 -21.76
N ASN B 174 -28.07 18.19 -21.91
CA ASN B 174 -27.24 19.37 -21.79
C ASN B 174 -27.36 19.95 -20.37
N SER B 175 -26.29 19.88 -19.60
CA SER B 175 -26.34 20.26 -18.18
C SER B 175 -26.64 21.75 -17.99
N ALA B 176 -26.47 22.53 -19.07
CA ALA B 176 -26.74 23.96 -19.04
C ALA B 176 -28.17 24.27 -19.49
N GLY B 177 -28.93 23.24 -19.87
CA GLY B 177 -30.30 23.40 -20.37
C GLY B 177 -30.38 23.19 -21.88
N GLY B 178 -31.50 22.62 -22.34
CA GLY B 178 -31.72 22.36 -23.77
C GLY B 178 -31.00 21.10 -24.23
N THR B 179 -30.60 21.07 -25.50
CA THR B 179 -29.98 19.90 -26.10
C THR B 179 -28.56 20.18 -26.58
N CYS B 180 -27.79 19.13 -26.84
CA CYS B 180 -26.41 19.27 -27.37
C CYS B 180 -26.02 18.03 -28.14
N SER B 181 -24.80 18.05 -28.72
CA SER B 181 -24.26 16.90 -29.44
C SER B 181 -22.78 16.66 -29.09
N SER B 182 -22.35 15.39 -29.24
CA SER B 182 -20.99 14.93 -28.93
C SER B 182 -20.68 14.96 -27.45
N THR B 183 -20.46 13.78 -26.87
CA THR B 183 -20.17 13.66 -25.43
C THR B 183 -18.77 14.16 -25.06
N SER B 184 -17.99 14.52 -26.09
CA SER B 184 -16.68 15.12 -25.90
C SER B 184 -16.78 16.54 -25.34
N GLN B 185 -17.92 17.20 -25.58
CA GLN B 185 -18.11 18.56 -25.09
C GLN B 185 -18.54 18.57 -23.64
N LEU B 186 -17.87 19.39 -22.84
CA LEU B 186 -18.23 19.56 -21.46
C LEU B 186 -19.70 19.92 -21.35
N GLY B 187 -20.41 19.23 -20.47
CA GLY B 187 -21.82 19.53 -20.27
C GLY B 187 -22.79 18.57 -20.96
N CYS B 188 -22.28 17.75 -21.90
CA CYS B 188 -23.10 16.76 -22.61
C CYS B 188 -22.94 15.38 -22.00
N TYR B 189 -24.05 14.81 -21.57
CA TYR B 189 -24.03 13.50 -20.94
C TYR B 189 -25.14 12.61 -21.47
N GLU B 190 -24.92 11.30 -21.45
CA GLU B 190 -25.96 10.37 -21.86
C GLU B 190 -26.87 10.05 -20.66
N PRO B 191 -28.19 10.24 -20.80
CA PRO B 191 -29.18 10.12 -19.75
C PRO B 191 -29.40 8.70 -19.28
N LEU B 192 -28.99 7.72 -20.08
CA LEU B 192 -29.20 6.32 -19.71
C LEU B 192 -27.90 5.60 -19.42
N LYS B 193 -27.81 5.01 -18.24
CA LYS B 193 -26.62 4.30 -17.83
C LYS B 193 -26.95 2.89 -17.41
N SER B 194 -26.00 1.99 -17.62
CA SER B 194 -26.23 0.58 -17.34
C SER B 194 -26.02 0.26 -15.88
N TYR B 195 -26.58 -0.86 -15.44
CA TYR B 195 -26.22 -1.42 -14.15
C TYR B 195 -25.10 -2.42 -14.35
N GLY B 196 -24.03 -2.26 -13.60
CA GLY B 196 -22.87 -3.14 -13.74
C GLY B 196 -23.11 -4.48 -13.07
N PHE B 197 -24.10 -5.21 -13.56
CA PHE B 197 -24.45 -6.48 -12.93
C PHE B 197 -23.50 -7.58 -13.38
N THR B 198 -22.89 -8.24 -12.41
CA THR B 198 -22.03 -9.39 -12.69
C THR B 198 -22.30 -10.45 -11.61
N PRO B 199 -22.06 -11.75 -11.90
CA PRO B 199 -22.27 -12.87 -11.01
C PRO B 199 -21.70 -12.72 -9.61
N THR B 200 -20.57 -12.01 -9.49
CA THR B 200 -19.90 -11.81 -8.17
C THR B 200 -19.82 -10.33 -7.77
N VAL B 201 -20.84 -9.79 -7.11
CA VAL B 201 -20.88 -8.39 -6.66
C VAL B 201 -21.76 -8.35 -5.42
N GLY B 202 -21.71 -7.28 -4.61
CA GLY B 202 -22.46 -7.26 -3.35
C GLY B 202 -23.96 -7.41 -3.38
N VAL B 203 -24.58 -7.82 -2.27
CA VAL B 203 -26.04 -8.06 -2.23
C VAL B 203 -26.80 -6.76 -2.53
N GLY B 204 -26.13 -5.61 -2.36
CA GLY B 204 -26.79 -4.32 -2.60
C GLY B 204 -26.59 -3.86 -4.03
N TYR B 205 -25.86 -4.65 -4.82
CA TYR B 205 -25.62 -4.33 -6.25
C TYR B 205 -26.06 -5.54 -7.06
N GLN B 206 -26.99 -6.33 -6.55
CA GLN B 206 -27.47 -7.55 -7.25
C GLN B 206 -28.87 -7.29 -7.78
N PRO B 207 -29.19 -7.70 -9.02
CA PRO B 207 -30.46 -7.41 -9.64
C PRO B 207 -31.61 -8.03 -8.88
N TYR B 208 -32.71 -7.29 -8.77
CA TYR B 208 -33.94 -7.80 -8.23
C TYR B 208 -35.07 -7.63 -9.22
N ARG B 209 -35.97 -8.57 -9.25
CA ARG B 209 -37.15 -8.46 -10.10
C ARG B 209 -38.31 -7.93 -9.30
N VAL B 210 -38.79 -6.76 -9.68
CA VAL B 210 -39.84 -6.08 -8.94
C VAL B 210 -41.16 -6.12 -9.69
N VAL B 211 -42.21 -6.48 -8.98
CA VAL B 211 -43.56 -6.44 -9.51
C VAL B 211 -44.46 -5.61 -8.60
N VAL B 212 -45.12 -4.61 -9.18
CA VAL B 212 -45.98 -3.73 -8.40
C VAL B 212 -47.44 -3.93 -8.78
N LEU B 213 -48.26 -4.31 -7.82
CA LEU B 213 -49.66 -4.56 -8.08
C LEU B 213 -50.50 -3.42 -7.55
N SER B 214 -50.99 -2.61 -8.46
CA SER B 214 -51.77 -1.44 -8.12
C SER B 214 -53.26 -1.75 -8.24
N PHE B 215 -53.99 -1.55 -7.15
CA PHE B 215 -55.39 -1.93 -7.10
C PHE B 215 -56.28 -0.73 -7.21
N GLU B 216 -56.87 -0.54 -8.38
CA GLU B 216 -57.64 0.66 -8.64
C GLU B 216 -59.13 0.37 -8.53
C1 NAG C . -22.76 18.81 0.18
C2 NAG C . -23.63 19.34 1.36
C3 NAG C . -24.17 18.14 2.15
C4 NAG C . -25.00 17.25 1.19
C5 NAG C . -24.08 16.79 0.01
C6 NAG C . -24.87 15.99 -1.02
C7 NAG C . -22.88 21.50 2.17
C8 NAG C . -22.08 22.38 3.09
N2 NAG C . -22.83 20.19 2.27
O3 NAG C . -24.98 18.57 3.23
O4 NAG C . -25.50 16.11 1.89
O5 NAG C . -23.55 17.98 -0.68
O6 NAG C . -24.06 15.68 -2.14
O7 NAG C . -23.60 22.02 1.30
C1 NAG D . -14.04 -13.50 24.46
C2 NAG D . -12.82 -14.40 24.90
C3 NAG D . -13.18 -15.87 24.60
C4 NAG D . -14.47 -16.26 25.35
C5 NAG D . -15.61 -15.31 24.90
C6 NAG D . -16.90 -15.59 25.66
C7 NAG D . -10.54 -13.59 24.70
C8 NAG D . -9.35 -13.20 23.88
N2 NAG D . -11.65 -14.01 24.11
O3 NAG D . -12.11 -16.70 25.03
O4 NAG D . -14.81 -17.61 25.04
O5 NAG D . -15.23 -13.91 25.18
O6 NAG D . -18.00 -14.93 25.05
O7 NAG D . -10.49 -13.53 25.94
C1 NAG E . -6.18 -19.93 -17.57
C2 NAG E . -7.37 -20.97 -17.57
C3 NAG E . -7.20 -21.89 -18.80
C4 NAG E . -7.20 -21.03 -20.08
C5 NAG E . -6.04 -20.00 -19.99
C6 NAG E . -6.03 -19.06 -21.19
C7 NAG E . -8.37 -21.95 -15.59
C8 NAG E . -8.30 -22.78 -14.35
N2 NAG E . -7.30 -21.78 -16.34
O3 NAG E . -8.25 -22.84 -18.86
O4 NAG E . -7.04 -21.86 -21.23
O5 NAG E . -6.20 -19.18 -18.78
O6 NAG E . -7.34 -18.61 -21.54
O7 NAG E . -9.44 -21.40 -15.91
C1 NAG F . -0.24 -33.91 19.87
C2 NAG F . -0.89 -35.23 19.34
C3 NAG F . -1.13 -36.16 20.55
C4 NAG F . 0.23 -36.41 21.25
C5 NAG F . 0.84 -35.04 21.70
C6 NAG F . 2.20 -35.20 22.34
C7 NAG F . -2.62 -35.46 17.65
C8 NAG F . -3.89 -35.00 17.02
N2 NAG F . -2.16 -34.84 18.70
O3 NAG F . -1.67 -37.40 20.11
O4 NAG F . 0.03 -37.24 22.39
O5 NAG F . 1.01 -34.18 20.52
O6 NAG F . 2.11 -35.43 23.74
O7 NAG F . -2.00 -36.44 17.17
C1 NAG G . -20.53 -21.18 -2.92
C2 NAG G . -21.68 -20.96 -1.88
C3 NAG G . -22.51 -22.26 -1.77
C4 NAG G . -23.06 -22.56 -3.19
C5 NAG G . -21.84 -22.79 -4.15
C6 NAG G . -22.26 -23.10 -5.57
C7 NAG G . -21.71 -19.71 0.19
C8 NAG G . -21.09 -19.24 1.47
N2 NAG G . -21.07 -20.55 -0.61
O3 NAG G . -23.58 -22.12 -0.85
O4 NAG G . -23.93 -23.69 -3.18
O5 NAG G . -21.06 -21.55 -4.18
O6 NAG G . -22.47 -24.51 -5.75
O7 NAG G . -22.84 -19.29 -0.14
C1 NAG H . 12.57 -9.91 36.60
C2 NAG H . 13.93 -9.17 36.69
C3 NAG H . 14.67 -9.64 37.95
C4 NAG H . 13.78 -9.32 39.18
C5 NAG H . 12.43 -10.11 39.03
C6 NAG H . 11.42 -9.83 40.12
C7 NAG H . 15.39 -8.53 34.85
C8 NAG H . 16.23 -8.83 33.65
N2 NAG H . 14.74 -9.50 35.50
O3 NAG H . 15.94 -9.03 38.04
O4 NAG H . 14.46 -9.64 40.41
O5 NAG H . 11.79 -9.66 37.79
O6 NAG H . 10.33 -10.73 39.98
O7 NAG H . 15.32 -7.36 35.28
C1 NAG I . -14.99 26.52 -20.06
C2 NAG I . -14.38 26.34 -21.49
C3 NAG I . -14.59 27.64 -22.30
C4 NAG I . -16.10 28.03 -22.27
C5 NAG I . -16.66 28.02 -20.80
C6 NAG I . -18.14 28.39 -20.81
C7 NAG I . -12.44 24.90 -21.48
C8 NAG I . -11.03 24.64 -21.07
N2 NAG I . -12.98 26.08 -21.22
O3 NAG I . -14.23 27.38 -23.65
O4 NAG I . -16.13 29.41 -22.66
O5 NAG I . -16.41 26.72 -20.11
O6 NAG I . -18.88 27.55 -21.70
O7 NAG I . -13.11 24.00 -22.05
ZN ZN J . -0.14 -3.67 5.19
C1 NAG K . -43.84 -20.41 -11.15
C2 NAG K . -44.21 -19.80 -9.76
C3 NAG K . -44.04 -20.91 -8.71
C4 NAG K . -44.93 -22.13 -9.09
C5 NAG K . -44.52 -22.63 -10.50
C6 NAG K . -45.40 -23.76 -10.98
C7 NAG K . -43.77 -17.55 -8.96
C8 NAG K . -42.83 -16.41 -8.68
N2 NAG K . -43.31 -18.68 -9.48
O3 NAG K . -44.41 -20.43 -7.42
O4 NAG K . -44.76 -23.15 -8.13
O5 NAG K . -44.66 -21.55 -11.46
O6 NAG K . -46.77 -23.39 -10.97
O7 NAG K . -44.98 -17.44 -8.71
C1 NAG L . -52.60 -20.24 1.46
C2 NAG L . -52.33 -20.58 2.98
C3 NAG L . -53.65 -21.04 3.61
C4 NAG L . -54.70 -19.91 3.45
C5 NAG L . -54.89 -19.61 1.94
C6 NAG L . -55.84 -18.45 1.72
C7 NAG L . -50.33 -21.61 3.92
C8 NAG L . -49.33 -22.72 3.99
N2 NAG L . -51.34 -21.66 3.05
O3 NAG L . -53.46 -21.33 5.00
O4 NAG L . -55.94 -20.36 4.00
O5 NAG L . -53.60 -19.22 1.35
O6 NAG L . -55.41 -17.26 2.37
O7 NAG L . -50.22 -20.62 4.67
#